data_9J4P
#
_entry.id   9J4P
#
_cell.length_a   93.383
_cell.length_b   93.383
_cell.length_c   172.270
_cell.angle_alpha   90.000
_cell.angle_beta   90.000
_cell.angle_gamma   120.000
#
_symmetry.space_group_name_H-M   'P 32 2 1'
#
loop_
_entity.id
_entity.type
_entity.pdbx_description
1 polymer 'Alpha-protein kinase 1'
2 polymer 'Alpha-protein kinase 1'
3 non-polymer '[[(2R,3S,4R,5R)-5-(6-aminopurin-9-yl)-3,4-bis(oxidanyl)oxolan-2-yl]methoxy-oxidanyl-phosphoryl] [(2S,3S,4S,5S,6R)-6-[(1R)-1,2-bis(oxidanyl)ethyl]-3,4,5-tris(oxidanyl)oxan-2-yl] hydrogen phosphate'
4 non-polymer 'ZINC ION'
5 water water
#
loop_
_entity_poly.entity_id
_entity_poly.type
_entity_poly.pdbx_seq_one_letter_code
_entity_poly.pdbx_strand_id
1 'polypeptide(L)'
;MNNQKVVAVLLQECKQVLDQLLLEAPDVSEEDKSEDQRCRALLPSELRTLIQEAKEMKWPFVPEKWQYKQAVGPEDKTNL
KDVIGAGLQQLLASLRASILARDCAAAAAIVFLVDRFLYGLDVSGKLLQVAKGLHKLQPATPIAPQVVIRQARISVNSGK
LLKAEYILSSLISNNGATGTWLYRNESDKVLVQSVCIQIRGQILQKLGMWYEAAELIWASIVGYLALPQPDKKGLSTSLG
ILADIFVSMSKNDYEKFKNNPQINLSLLKEFDHHLLSAAEACKLAAAFSAYTPLFVLTAVNIRGTCLLSYSSSNDCPPEL
KNLHLCEAKEAFEIGLLTKRDDEPVTGKQELHSFVKAAFGLTTVHRRLHGETGTVHAASQLCKEAMGKLYNFSTSSRSQD
REALSQEVMSVIAQVKEHLQVQSFSNVDDRSYVPESFECRLDKLIL
;
B
2 'polypeptide(L)'
;QTSQEILEARTLQPDDLEKLLAGVRHDWLLQRLENTGVLKSNQLQQAHSALLLKYSKKSELWTAQETVVYLGDYLKVKKK
GKQRNAFWVHYLHQEETLGRYVGKEYKERKGLRHHFTDVERQMTAQHYVTEFNKRLYEQKIPTQIFYVPSTILLILEDRT
IKGCISVEPYILGEFVKLSNNTKVVKNEYKATEYGLAYGHFSYEFSNHRDVVVDLQGWVTGNGKGLIYLTDPQIHSVDQK
DVTTNFGKRGIFYFFNNQHASCNEICHRLSLTRPS
;
A
#
# COMPACT_ATOMS: atom_id res chain seq x y z
N MET A 1 -13.96 22.29 -0.90
CA MET A 1 -12.68 22.92 -0.68
C MET A 1 -11.87 22.17 0.40
N ASN A 2 -12.27 22.31 1.67
CA ASN A 2 -11.46 21.83 2.80
C ASN A 2 -12.03 20.54 3.38
N ASN A 3 -11.14 19.65 3.79
CA ASN A 3 -11.51 18.35 4.34
C ASN A 3 -12.45 18.51 5.53
N GLN A 4 -12.08 19.35 6.50
CA GLN A 4 -12.82 19.44 7.76
C GLN A 4 -14.21 20.05 7.56
N LYS A 5 -14.35 21.01 6.65
CA LYS A 5 -15.68 21.55 6.33
C LYS A 5 -16.60 20.48 5.78
N VAL A 6 -16.12 19.74 4.76
CA VAL A 6 -16.98 18.75 4.11
C VAL A 6 -17.47 17.73 5.12
N VAL A 7 -16.57 17.29 6.00
CA VAL A 7 -16.96 16.38 7.06
C VAL A 7 -18.08 16.97 7.91
N ALA A 8 -17.91 18.21 8.39
CA ALA A 8 -18.92 18.78 9.27
C ALA A 8 -20.28 18.86 8.56
N VAL A 9 -20.29 19.22 7.28
CA VAL A 9 -21.56 19.33 6.58
C VAL A 9 -22.11 17.94 6.24
N LEU A 10 -21.25 16.97 5.93
CA LEU A 10 -21.78 15.64 5.68
C LEU A 10 -22.33 15.00 6.95
N LEU A 11 -21.77 15.32 8.12
CA LEU A 11 -22.25 14.71 9.36
C LEU A 11 -23.64 15.22 9.72
N GLN A 12 -23.94 16.49 9.43
CA GLN A 12 -25.27 17.00 9.72
C GLN A 12 -26.31 16.38 8.79
N GLU A 13 -25.98 16.33 7.50
CA GLU A 13 -26.77 15.60 6.51
C GLU A 13 -27.28 14.29 7.08
N CYS A 14 -26.36 13.51 7.66
CA CYS A 14 -26.73 12.25 8.27
C CYS A 14 -27.63 12.47 9.47
N LYS A 15 -27.22 13.34 10.39
CA LYS A 15 -27.96 13.49 11.63
C LYS A 15 -29.37 14.01 11.38
N GLN A 16 -29.56 14.71 10.27
CA GLN A 16 -30.89 15.23 9.99
C GLN A 16 -31.73 14.19 9.26
N VAL A 17 -31.14 13.44 8.33
CA VAL A 17 -31.83 12.32 7.71
C VAL A 17 -32.17 11.25 8.75
N LEU A 18 -31.40 11.17 9.85
CA LEU A 18 -31.77 10.35 10.99
C LEU A 18 -33.01 10.87 11.69
N ASP A 19 -33.15 12.21 11.79
CA ASP A 19 -34.30 12.77 12.47
C ASP A 19 -35.55 12.61 11.62
N GLN A 20 -35.41 12.77 10.30
CA GLN A 20 -36.56 12.61 9.42
C GLN A 20 -37.12 11.20 9.45
N LEU A 21 -36.27 10.21 9.75
CA LEU A 21 -36.69 8.82 9.89
C LEU A 21 -37.60 8.61 11.10
N LEU A 22 -37.44 9.42 12.14
CA LEU A 22 -38.19 9.27 13.36
C LEU A 22 -39.33 10.27 13.39
N LEU A 23 -38.98 11.54 13.57
CA LEU A 23 -39.94 12.63 13.48
C LEU A 23 -41.00 12.33 12.40
N GLU A 24 -40.53 11.99 11.20
CA GLU A 24 -41.37 11.71 10.04
C GLU A 24 -42.59 12.61 9.98
N ALA A 25 -43.74 12.03 9.66
CA ALA A 25 -44.89 12.83 9.26
C ALA A 25 -44.40 13.87 8.27
N PRO A 26 -44.00 13.46 7.03
CA PRO A 26 -43.51 14.41 6.03
C PRO A 26 -44.26 15.72 5.96
N ASP A 27 -44.13 16.52 7.01
CA ASP A 27 -44.59 17.91 7.01
C ASP A 27 -43.38 18.73 6.61
N VAL A 28 -43.19 18.88 5.30
CA VAL A 28 -42.18 19.76 4.73
C VAL A 28 -42.55 21.20 5.04
N SER A 29 -42.30 22.10 4.10
CA SER A 29 -42.71 23.48 4.23
C SER A 29 -42.53 24.12 2.88
N GLU A 30 -43.18 25.27 2.68
CA GLU A 30 -42.98 25.95 1.40
C GLU A 30 -41.55 26.48 1.30
N GLU A 31 -40.94 26.83 2.45
CA GLU A 31 -39.56 27.29 2.44
C GLU A 31 -38.61 26.14 2.12
N ASP A 32 -38.98 24.91 2.47
CA ASP A 32 -38.17 23.74 2.14
C ASP A 32 -38.18 23.47 0.64
N LYS A 33 -39.38 23.39 0.04
CA LYS A 33 -39.45 23.10 -1.38
C LYS A 33 -38.90 24.26 -2.22
N SER A 34 -38.95 25.48 -1.70
CA SER A 34 -38.30 26.60 -2.37
C SER A 34 -36.79 26.45 -2.31
N GLU A 35 -36.25 26.32 -1.10
CA GLU A 35 -34.80 26.25 -0.92
C GLU A 35 -34.18 25.07 -1.66
N ASP A 36 -34.93 23.99 -1.88
CA ASP A 36 -34.45 22.95 -2.77
C ASP A 36 -34.34 23.48 -4.19
N GLN A 37 -35.45 24.00 -4.73
CA GLN A 37 -35.40 24.68 -6.03
C GLN A 37 -34.30 25.75 -6.05
N ARG A 38 -34.18 26.49 -4.96
CA ARG A 38 -33.10 27.47 -4.77
C ARG A 38 -31.75 26.81 -5.08
N CYS A 39 -31.37 25.78 -4.33
CA CYS A 39 -29.99 25.28 -4.43
C CYS A 39 -29.75 24.46 -5.70
N ARG A 40 -30.80 23.84 -6.25
CA ARG A 40 -30.54 23.01 -7.44
C ARG A 40 -30.33 23.86 -8.67
N ALA A 41 -30.94 25.06 -8.72
CA ALA A 41 -30.84 25.87 -9.92
C ALA A 41 -29.51 26.62 -9.96
N LEU A 42 -28.94 26.97 -8.80
CA LEU A 42 -27.57 27.49 -8.74
C LEU A 42 -26.55 26.55 -9.38
N LEU A 43 -26.86 25.26 -9.45
CA LEU A 43 -25.95 24.29 -10.02
C LEU A 43 -25.71 24.61 -11.50
N PRO A 44 -24.47 24.74 -11.93
CA PRO A 44 -24.18 25.11 -13.32
C PRO A 44 -24.81 24.12 -14.29
N SER A 45 -25.64 24.64 -15.22
CA SER A 45 -26.28 23.84 -16.26
C SER A 45 -25.22 23.00 -16.96
N GLU A 46 -24.97 21.81 -16.38
CA GLU A 46 -23.80 20.98 -16.62
C GLU A 46 -23.79 19.92 -15.52
N LEU A 47 -23.66 20.37 -14.27
CA LEU A 47 -23.87 19.48 -13.13
C LEU A 47 -25.31 19.02 -13.07
N ARG A 48 -26.24 19.83 -13.57
CA ARG A 48 -27.66 19.49 -13.52
C ARG A 48 -27.97 18.31 -14.45
N THR A 49 -27.38 18.29 -15.64
CA THR A 49 -27.56 17.12 -16.52
C THR A 49 -26.91 15.90 -15.91
N LEU A 50 -25.74 16.08 -15.29
CA LEU A 50 -25.09 14.99 -14.57
C LEU A 50 -25.99 14.41 -13.50
N ILE A 51 -26.64 15.27 -12.69
CA ILE A 51 -27.57 14.77 -11.68
C ILE A 51 -28.72 14.01 -12.34
N GLN A 52 -29.17 14.48 -13.50
CA GLN A 52 -30.26 13.80 -14.19
C GLN A 52 -29.81 12.45 -14.74
N GLU A 53 -28.64 12.41 -15.37
CA GLU A 53 -28.10 11.14 -15.84
C GLU A 53 -27.93 10.15 -14.69
N ALA A 54 -27.44 10.63 -13.54
CA ALA A 54 -27.25 9.75 -12.40
C ALA A 54 -28.58 9.36 -11.80
N LYS A 55 -29.52 10.31 -11.73
CA LYS A 55 -30.88 10.02 -11.27
C LYS A 55 -31.50 8.84 -12.03
N GLU A 56 -31.31 8.81 -13.34
CA GLU A 56 -31.91 7.81 -14.21
C GLU A 56 -30.94 6.68 -14.57
N MET A 57 -29.84 6.54 -13.82
CA MET A 57 -29.06 5.31 -13.79
C MET A 57 -28.38 5.01 -15.14
N LYS A 58 -27.79 6.05 -15.74
CA LYS A 58 -27.16 5.91 -17.05
C LYS A 58 -25.91 5.04 -17.00
N TRP A 59 -25.24 4.96 -15.85
CA TRP A 59 -24.06 4.11 -15.70
C TRP A 59 -23.94 3.69 -14.24
N PRO A 60 -23.19 2.61 -13.98
CA PRO A 60 -22.99 2.22 -12.58
C PRO A 60 -21.81 2.94 -11.94
N PHE A 61 -20.93 3.56 -12.76
CA PHE A 61 -19.84 4.40 -12.30
C PHE A 61 -19.90 5.74 -13.06
N VAL A 62 -19.64 6.84 -12.36
CA VAL A 62 -19.63 8.14 -13.03
C VAL A 62 -18.51 8.13 -14.05
N PRO A 63 -18.74 8.56 -15.29
CA PRO A 63 -17.66 8.54 -16.28
C PRO A 63 -16.56 9.51 -15.89
N GLU A 64 -15.35 9.23 -16.36
CA GLU A 64 -14.28 10.15 -16.01
C GLU A 64 -14.19 11.30 -17.02
N LYS A 65 -14.13 10.97 -18.33
CA LYS A 65 -14.04 11.91 -19.46
C LYS A 65 -13.43 13.28 -19.13
N LYS A 81 -13.05 14.89 -11.35
CA LYS A 81 -13.41 15.91 -12.32
C LYS A 81 -13.19 17.29 -11.72
N ASP A 82 -12.85 18.25 -12.59
CA ASP A 82 -12.82 19.64 -12.16
C ASP A 82 -14.22 20.19 -11.99
N VAL A 83 -15.20 19.59 -12.67
CA VAL A 83 -16.59 19.97 -12.48
C VAL A 83 -16.99 19.79 -11.01
N ILE A 84 -16.73 18.61 -10.46
CA ILE A 84 -17.09 18.33 -9.07
C ILE A 84 -16.30 19.21 -8.12
N GLY A 85 -14.99 19.29 -8.32
CA GLY A 85 -14.16 20.06 -7.40
C GLY A 85 -14.61 21.51 -7.28
N ALA A 86 -14.98 22.12 -8.41
CA ALA A 86 -15.45 23.49 -8.38
C ALA A 86 -16.79 23.59 -7.66
N GLY A 87 -17.79 22.86 -8.15
CA GLY A 87 -19.11 22.94 -7.58
C GLY A 87 -19.35 22.06 -6.37
N LEU A 88 -18.29 21.72 -5.61
CA LEU A 88 -18.50 20.88 -4.43
C LEU A 88 -19.33 21.60 -3.37
N GLN A 89 -19.02 22.87 -3.09
CA GLN A 89 -19.79 23.58 -2.08
C GLN A 89 -21.25 23.68 -2.47
N GLN A 90 -21.52 24.00 -3.74
CA GLN A 90 -22.89 24.07 -4.22
C GLN A 90 -23.56 22.70 -4.17
N LEU A 91 -22.87 21.67 -4.68
CA LEU A 91 -23.37 20.31 -4.59
C LEU A 91 -23.79 19.95 -3.16
N LEU A 92 -22.95 20.30 -2.18
CA LEU A 92 -23.23 19.97 -0.79
C LEU A 92 -24.42 20.74 -0.25
N ALA A 93 -24.64 21.98 -0.70
CA ALA A 93 -25.81 22.71 -0.25
C ALA A 93 -27.09 22.13 -0.87
N SER A 94 -27.03 21.82 -2.16
CA SER A 94 -28.17 21.24 -2.83
C SER A 94 -28.49 19.85 -2.27
N LEU A 95 -27.45 19.08 -1.94
CA LEU A 95 -27.65 17.81 -1.26
C LEU A 95 -28.38 17.99 0.06
N ARG A 96 -27.99 19.01 0.85
CA ARG A 96 -28.63 19.23 2.14
C ARG A 96 -30.08 19.67 1.95
N ALA A 97 -30.34 20.49 0.94
CA ALA A 97 -31.70 20.99 0.72
C ALA A 97 -32.57 19.91 0.09
N SER A 98 -32.04 19.14 -0.86
CA SER A 98 -32.78 18.02 -1.42
C SER A 98 -33.21 17.05 -0.34
N ILE A 99 -32.42 16.92 0.73
CA ILE A 99 -32.77 16.02 1.81
C ILE A 99 -33.89 16.61 2.66
N LEU A 100 -33.82 17.91 2.97
CA LEU A 100 -34.88 18.53 3.75
C LEU A 100 -36.21 18.50 3.02
N ALA A 101 -36.17 18.55 1.69
CA ALA A 101 -37.38 18.43 0.89
C ALA A 101 -37.78 16.98 0.67
N ARG A 102 -37.11 16.02 1.31
CA ARG A 102 -37.41 14.59 1.18
C ARG A 102 -37.38 14.12 -0.27
N ASP A 103 -36.55 14.78 -1.09
CA ASP A 103 -36.25 14.33 -2.45
C ASP A 103 -35.01 13.45 -2.36
N CYS A 104 -35.21 12.17 -2.05
CA CYS A 104 -34.08 11.28 -1.80
C CYS A 104 -33.41 10.79 -3.06
N ALA A 105 -34.11 10.78 -4.20
CA ALA A 105 -33.49 10.35 -5.44
C ALA A 105 -32.43 11.36 -5.88
N ALA A 106 -32.74 12.66 -5.78
CA ALA A 106 -31.77 13.68 -6.12
C ALA A 106 -30.61 13.70 -5.14
N ALA A 107 -30.87 13.46 -3.85
CA ALA A 107 -29.81 13.40 -2.87
C ALA A 107 -28.86 12.25 -3.18
N ALA A 108 -29.42 11.06 -3.45
CA ALA A 108 -28.60 9.90 -3.78
C ALA A 108 -27.89 10.06 -5.11
N ALA A 109 -28.46 10.84 -6.03
CA ALA A 109 -27.73 11.14 -7.25
C ALA A 109 -26.53 12.03 -6.96
N ILE A 110 -26.69 13.00 -6.06
CA ILE A 110 -25.60 13.88 -5.73
C ILE A 110 -24.50 13.11 -5.00
N VAL A 111 -24.91 12.19 -4.12
CA VAL A 111 -23.94 11.35 -3.42
C VAL A 111 -23.13 10.53 -4.42
N PHE A 112 -23.83 9.90 -5.36
CA PHE A 112 -23.18 9.20 -6.46
C PHE A 112 -22.15 10.10 -7.14
N LEU A 113 -22.51 11.35 -7.41
CA LEU A 113 -21.63 12.19 -8.22
C LEU A 113 -20.41 12.70 -7.46
N VAL A 114 -20.52 12.95 -6.16
CA VAL A 114 -19.37 13.43 -5.41
C VAL A 114 -18.55 12.29 -4.84
N ASP A 115 -19.00 11.05 -5.01
CA ASP A 115 -18.38 9.92 -4.32
C ASP A 115 -16.88 9.78 -4.64
N ARG A 116 -16.54 9.68 -5.92
CA ARG A 116 -15.15 9.48 -6.30
C ARG A 116 -14.26 10.64 -5.86
N PHE A 117 -14.72 11.88 -5.99
CA PHE A 117 -13.93 13.03 -5.56
C PHE A 117 -13.74 13.04 -4.05
N LEU A 118 -14.74 12.59 -3.30
CA LEU A 118 -14.67 12.61 -1.85
C LEU A 118 -13.87 11.44 -1.30
N TYR A 119 -13.65 10.40 -2.10
CA TYR A 119 -12.68 9.38 -1.72
C TYR A 119 -11.27 9.97 -1.71
N GLY A 120 -11.02 10.86 -2.66
CA GLY A 120 -9.76 11.59 -2.65
C GLY A 120 -9.61 12.58 -1.51
N LEU A 121 -10.70 12.93 -0.84
CA LEU A 121 -10.64 13.84 0.30
C LEU A 121 -10.60 13.09 1.62
N ASP A 122 -10.56 11.76 1.58
CA ASP A 122 -10.64 10.94 2.79
C ASP A 122 -11.85 11.29 3.66
N VAL A 123 -13.03 11.35 3.04
CA VAL A 123 -14.29 11.58 3.76
C VAL A 123 -15.35 10.61 3.27
N SER A 124 -14.93 9.52 2.61
CA SER A 124 -15.92 8.55 2.15
C SER A 124 -16.75 8.01 3.30
N GLY A 125 -16.15 7.89 4.48
CA GLY A 125 -16.89 7.40 5.62
C GLY A 125 -18.13 8.22 5.89
N LYS A 126 -17.96 9.53 6.00
CA LYS A 126 -19.11 10.40 6.24
C LYS A 126 -20.08 10.38 5.07
N LEU A 127 -19.57 10.30 3.84
CA LEU A 127 -20.46 10.27 2.68
C LEU A 127 -21.31 9.01 2.70
N LEU A 128 -20.69 7.87 2.95
CA LEU A 128 -21.43 6.62 3.02
C LEU A 128 -22.44 6.59 4.16
N GLN A 129 -22.20 7.33 5.26
CA GLN A 129 -23.23 7.45 6.29
C GLN A 129 -24.44 8.19 5.76
N VAL A 130 -24.23 9.16 4.86
CA VAL A 130 -25.36 9.81 4.20
C VAL A 130 -26.06 8.81 3.30
N ALA A 131 -25.30 8.02 2.54
CA ALA A 131 -25.92 7.04 1.65
C ALA A 131 -26.74 6.01 2.41
N LYS A 132 -26.21 5.52 3.54
CA LYS A 132 -26.98 4.65 4.41
C LYS A 132 -28.23 5.34 4.94
N GLY A 133 -28.13 6.63 5.27
CA GLY A 133 -29.29 7.33 5.81
C GLY A 133 -30.37 7.55 4.78
N LEU A 134 -30.00 7.74 3.51
CA LEU A 134 -30.99 7.91 2.46
C LEU A 134 -31.72 6.60 2.18
N HIS A 135 -30.97 5.50 2.17
CA HIS A 135 -31.56 4.19 1.94
C HIS A 135 -32.49 3.78 3.08
N LYS A 136 -32.15 4.12 4.32
CA LYS A 136 -33.03 3.78 5.42
C LYS A 136 -34.29 4.63 5.39
N LEU A 137 -34.18 5.89 4.96
CA LEU A 137 -35.34 6.77 4.90
C LEU A 137 -36.33 6.27 3.85
N GLN A 138 -35.83 5.81 2.71
CA GLN A 138 -36.71 5.14 1.76
C GLN A 138 -35.98 4.06 0.97
N PRO A 139 -36.18 2.78 1.32
CA PRO A 139 -35.38 1.71 0.71
C PRO A 139 -35.53 1.62 -0.81
N ALA A 140 -36.51 2.32 -1.37
CA ALA A 140 -36.74 2.33 -2.81
C ALA A 140 -35.65 3.09 -3.57
N THR A 141 -34.79 3.84 -2.89
CA THR A 141 -33.83 4.67 -3.61
C THR A 141 -32.76 3.79 -4.23
N PRO A 142 -32.31 4.10 -5.44
CA PRO A 142 -31.40 3.20 -6.17
C PRO A 142 -30.13 2.77 -5.43
N ILE A 143 -29.26 3.74 -5.10
CA ILE A 143 -27.87 3.60 -4.62
C ILE A 143 -26.99 2.87 -5.65
N ALA A 144 -26.09 3.66 -6.30
CA ALA A 144 -25.23 3.23 -7.39
C ALA A 144 -24.21 2.18 -6.95
N PRO A 145 -23.87 1.25 -7.85
CA PRO A 145 -22.88 0.23 -7.48
C PRO A 145 -21.56 0.81 -7.02
N GLN A 146 -21.15 1.92 -7.62
CA GLN A 146 -19.93 2.59 -7.21
C GLN A 146 -19.97 2.95 -5.73
N VAL A 147 -21.13 3.39 -5.24
CA VAL A 147 -21.24 3.80 -3.85
C VAL A 147 -21.28 2.58 -2.92
N VAL A 148 -21.92 1.50 -3.36
CA VAL A 148 -21.87 0.24 -2.61
C VAL A 148 -20.42 -0.27 -2.57
N ILE A 149 -19.76 -0.28 -3.73
CA ILE A 149 -18.36 -0.71 -3.79
C ILE A 149 -17.48 0.18 -2.93
N ARG A 150 -17.78 1.47 -2.88
CA ARG A 150 -17.01 2.36 -2.02
C ARG A 150 -17.00 1.85 -0.59
N GLN A 151 -18.12 1.30 -0.10
CA GLN A 151 -18.05 0.91 1.31
C GLN A 151 -17.21 -0.35 1.49
N ALA A 152 -17.12 -1.20 0.45
CA ALA A 152 -16.12 -2.27 0.46
C ALA A 152 -14.70 -1.70 0.47
N ARG A 153 -14.45 -0.62 -0.28
CA ARG A 153 -13.08 -0.11 -0.35
C ARG A 153 -12.59 0.36 1.02
N ILE A 154 -13.42 1.13 1.74
CA ILE A 154 -12.93 1.61 3.03
C ILE A 154 -12.95 0.51 4.08
N SER A 155 -13.79 -0.52 3.92
CA SER A 155 -13.65 -1.69 4.77
C SER A 155 -12.32 -2.40 4.52
N VAL A 156 -11.92 -2.57 3.26
CA VAL A 156 -10.60 -3.17 3.00
C VAL A 156 -9.51 -2.29 3.61
N ASN A 157 -9.55 -0.98 3.34
CA ASN A 157 -8.54 -0.08 3.88
C ASN A 157 -8.45 -0.13 5.40
N SER A 158 -9.49 -0.62 6.07
CA SER A 158 -9.57 -0.72 7.52
C SER A 158 -9.19 -2.09 8.05
N GLY A 159 -8.94 -3.07 7.18
CA GLY A 159 -8.71 -4.43 7.64
C GLY A 159 -9.95 -5.22 7.99
N LYS A 160 -11.14 -4.66 7.75
CA LYS A 160 -12.38 -5.42 7.87
C LYS A 160 -12.60 -6.17 6.55
N LEU A 161 -11.81 -7.23 6.35
CA LEU A 161 -11.81 -7.93 5.06
C LEU A 161 -13.06 -8.78 4.87
N LEU A 162 -13.56 -9.41 5.95
CA LEU A 162 -14.78 -10.19 5.80
C LEU A 162 -15.97 -9.30 5.46
N LYS A 163 -16.06 -8.16 6.13
CA LYS A 163 -17.18 -7.25 5.88
C LYS A 163 -17.19 -6.78 4.45
N ALA A 164 -16.01 -6.48 3.91
CA ALA A 164 -15.91 -6.06 2.52
C ALA A 164 -16.38 -7.15 1.59
N GLU A 165 -16.07 -8.41 1.89
CA GLU A 165 -16.52 -9.49 1.02
C GLU A 165 -18.03 -9.61 1.03
N TYR A 166 -18.63 -9.50 2.22
CA TYR A 166 -20.09 -9.52 2.33
C TYR A 166 -20.72 -8.43 1.48
N ILE A 167 -20.18 -7.21 1.56
CA ILE A 167 -20.69 -6.10 0.74
C ILE A 167 -20.65 -6.47 -0.73
N LEU A 168 -19.49 -6.95 -1.21
CA LEU A 168 -19.33 -7.25 -2.62
C LEU A 168 -20.24 -8.39 -3.04
N SER A 169 -20.39 -9.39 -2.19
CA SER A 169 -21.30 -10.49 -2.48
C SER A 169 -22.73 -9.99 -2.66
N SER A 170 -23.22 -9.20 -1.71
CA SER A 170 -24.58 -8.67 -1.80
C SER A 170 -24.78 -7.78 -3.03
N LEU A 171 -23.70 -7.19 -3.54
CA LEU A 171 -23.84 -6.36 -4.74
C LEU A 171 -24.06 -7.23 -5.97
N ILE A 172 -23.36 -8.37 -6.05
CA ILE A 172 -23.41 -9.21 -7.23
C ILE A 172 -24.74 -9.97 -7.34
N SER A 173 -25.45 -10.17 -6.23
CA SER A 173 -26.75 -10.83 -6.30
C SER A 173 -27.89 -9.92 -5.82
N ASN A 174 -28.16 -9.91 -4.52
CA ASN A 174 -29.26 -9.11 -3.94
C ASN A 174 -28.82 -7.68 -3.61
N GLY A 179 -35.08 -1.23 -3.53
CA GLY A 179 -34.03 -2.14 -3.11
C GLY A 179 -33.31 -2.84 -4.25
N THR A 180 -33.16 -2.13 -5.37
CA THR A 180 -32.50 -2.68 -6.55
C THR A 180 -32.06 -1.55 -7.47
N TRP A 181 -30.95 -1.81 -8.18
CA TRP A 181 -30.42 -0.96 -9.24
C TRP A 181 -30.34 -1.81 -10.48
N LEU A 182 -30.70 -1.26 -11.64
CA LEU A 182 -30.58 -2.08 -12.84
C LEU A 182 -29.97 -1.30 -13.99
N TYR A 183 -29.44 -2.09 -14.91
CA TYR A 183 -28.51 -1.69 -15.95
C TYR A 183 -29.22 -1.86 -17.29
N ARG A 184 -29.33 -0.76 -18.05
CA ARG A 184 -29.83 -0.84 -19.42
C ARG A 184 -28.70 -1.25 -20.34
N ASN A 185 -28.24 -2.49 -20.15
CA ASN A 185 -27.01 -2.98 -20.78
C ASN A 185 -26.62 -4.31 -20.15
N GLU A 186 -25.94 -5.18 -20.91
CA GLU A 186 -25.40 -6.37 -20.28
C GLU A 186 -23.95 -6.19 -19.88
N SER A 187 -23.20 -5.37 -20.60
CA SER A 187 -21.80 -5.16 -20.25
C SER A 187 -21.67 -4.46 -18.91
N ASP A 188 -22.57 -3.51 -18.63
CA ASP A 188 -22.56 -2.83 -17.34
C ASP A 188 -22.54 -3.82 -16.18
N LYS A 189 -23.31 -4.90 -16.29
CA LYS A 189 -23.31 -5.89 -15.21
C LYS A 189 -21.98 -6.62 -15.11
N VAL A 190 -21.30 -6.86 -16.24
CA VAL A 190 -20.01 -7.53 -16.13
C VAL A 190 -18.92 -6.53 -15.71
N LEU A 191 -19.08 -5.23 -15.96
CA LEU A 191 -18.11 -4.27 -15.46
C LEU A 191 -18.10 -4.21 -13.94
N VAL A 192 -19.29 -4.14 -13.33
CA VAL A 192 -19.42 -4.19 -11.87
C VAL A 192 -18.77 -5.45 -11.31
N GLN A 193 -19.13 -6.60 -11.87
CA GLN A 193 -18.55 -7.86 -11.41
C GLN A 193 -17.04 -7.86 -11.54
N SER A 194 -16.50 -7.18 -12.56
CA SER A 194 -15.04 -7.15 -12.73
C SER A 194 -14.39 -6.31 -11.65
N VAL A 195 -14.93 -5.12 -11.38
CA VAL A 195 -14.41 -4.30 -10.28
C VAL A 195 -14.53 -5.04 -8.96
N CYS A 196 -15.68 -5.69 -8.72
CA CYS A 196 -15.84 -6.45 -7.48
C CYS A 196 -14.79 -7.54 -7.36
N ILE A 197 -14.60 -8.31 -8.44
CA ILE A 197 -13.62 -9.39 -8.46
C ILE A 197 -12.21 -8.84 -8.21
N GLN A 198 -11.90 -7.68 -8.79
CA GLN A 198 -10.65 -6.96 -8.52
C GLN A 198 -10.45 -6.74 -7.03
N ILE A 199 -11.47 -6.22 -6.34
CA ILE A 199 -11.29 -5.93 -4.93
C ILE A 199 -11.17 -7.23 -4.13
N ARG A 200 -11.91 -8.27 -4.53
CA ARG A 200 -11.72 -9.58 -3.92
C ARG A 200 -10.27 -10.05 -4.09
N GLY A 201 -9.68 -9.82 -5.26
CA GLY A 201 -8.28 -10.11 -5.42
C GLY A 201 -7.40 -9.31 -4.47
N GLN A 202 -7.74 -8.03 -4.25
CA GLN A 202 -6.95 -7.23 -3.33
C GLN A 202 -7.11 -7.73 -1.91
N ILE A 203 -8.28 -8.29 -1.58
CA ILE A 203 -8.48 -8.86 -0.26
C ILE A 203 -7.56 -10.07 -0.07
N LEU A 204 -7.59 -11.00 -1.02
CA LEU A 204 -6.70 -12.15 -0.89
C LEU A 204 -5.24 -11.70 -0.85
N GLN A 205 -4.90 -10.61 -1.53
CA GLN A 205 -3.54 -10.06 -1.49
C GLN A 205 -3.18 -9.54 -0.09
N LYS A 206 -4.10 -8.79 0.54
CA LYS A 206 -3.86 -8.33 1.90
C LYS A 206 -3.53 -9.50 2.83
N LEU A 207 -4.15 -10.64 2.61
CA LEU A 207 -3.91 -11.80 3.45
C LEU A 207 -2.68 -12.60 3.08
N GLY A 208 -2.04 -12.28 1.96
CA GLY A 208 -0.88 -13.03 1.55
C GLY A 208 -1.17 -14.25 0.70
N MET A 209 -2.42 -14.44 0.26
CA MET A 209 -2.76 -15.58 -0.60
C MET A 209 -2.49 -15.21 -2.05
N TRP A 210 -1.20 -15.24 -2.40
CA TRP A 210 -0.76 -14.63 -3.65
C TRP A 210 -1.34 -15.32 -4.86
N TYR A 211 -1.32 -16.64 -4.89
CA TYR A 211 -1.80 -17.35 -6.05
C TYR A 211 -3.27 -17.04 -6.32
N GLU A 212 -4.13 -17.25 -5.33
CA GLU A 212 -5.58 -17.04 -5.54
C GLU A 212 -5.91 -15.58 -5.77
N ALA A 213 -5.14 -14.68 -5.15
CA ALA A 213 -5.28 -13.26 -5.48
C ALA A 213 -5.06 -13.04 -6.98
N ALA A 214 -4.05 -13.69 -7.53
CA ALA A 214 -3.72 -13.50 -8.93
C ALA A 214 -4.78 -14.10 -9.83
N GLU A 215 -5.37 -15.23 -9.44
CA GLU A 215 -6.49 -15.77 -10.21
C GLU A 215 -7.65 -14.79 -10.23
N LEU A 216 -8.00 -14.20 -9.08
CA LEU A 216 -9.08 -13.21 -9.08
C LEU A 216 -8.67 -11.98 -9.88
N ILE A 217 -7.42 -11.53 -9.76
CA ILE A 217 -7.08 -10.34 -10.52
C ILE A 217 -7.16 -10.64 -12.01
N TRP A 218 -6.77 -11.85 -12.41
CA TRP A 218 -6.88 -12.30 -13.81
C TRP A 218 -8.33 -12.28 -14.29
N ALA A 219 -9.25 -12.82 -13.49
CA ALA A 219 -10.66 -12.77 -13.83
C ALA A 219 -11.13 -11.35 -14.04
N SER A 220 -10.65 -10.42 -13.19
CA SER A 220 -11.06 -9.03 -13.38
C SER A 220 -10.56 -8.49 -14.72
N ILE A 221 -9.38 -8.94 -15.17
CA ILE A 221 -8.82 -8.47 -16.44
C ILE A 221 -9.59 -9.04 -17.63
N VAL A 222 -9.87 -10.35 -17.61
CA VAL A 222 -10.70 -10.96 -18.64
C VAL A 222 -12.00 -10.17 -18.77
N GLY A 223 -12.63 -9.84 -17.63
CA GLY A 223 -13.89 -9.10 -17.68
C GLY A 223 -13.75 -7.75 -18.34
N TYR A 224 -12.75 -6.98 -17.92
CA TYR A 224 -12.52 -5.66 -18.51
C TYR A 224 -12.31 -5.76 -20.00
N LEU A 225 -11.57 -6.79 -20.44
CA LEU A 225 -11.31 -7.01 -21.85
C LEU A 225 -12.54 -7.49 -22.61
N ALA A 226 -13.55 -8.02 -21.90
CA ALA A 226 -14.73 -8.50 -22.58
C ALA A 226 -15.74 -7.39 -22.86
N LEU A 227 -15.58 -6.21 -22.27
CA LEU A 227 -16.49 -5.11 -22.52
C LEU A 227 -16.45 -4.68 -23.99
N PRO A 228 -17.57 -4.21 -24.55
CA PRO A 228 -17.55 -3.67 -25.92
C PRO A 228 -16.47 -2.63 -26.14
N GLN A 229 -16.30 -1.71 -25.18
CA GLN A 229 -15.13 -0.85 -25.13
C GLN A 229 -14.34 -1.18 -23.87
N PRO A 230 -13.17 -1.82 -23.99
CA PRO A 230 -12.42 -2.28 -22.80
C PRO A 230 -12.10 -1.14 -21.83
N ASP A 231 -12.29 -1.43 -20.54
CA ASP A 231 -12.10 -0.42 -19.49
C ASP A 231 -10.61 -0.28 -19.23
N LYS A 232 -10.00 0.76 -19.79
CA LYS A 232 -8.55 0.91 -19.67
C LYS A 232 -8.15 1.28 -18.24
N LYS A 233 -8.96 2.11 -17.58
CA LYS A 233 -8.70 2.40 -16.18
C LYS A 233 -8.66 1.11 -15.38
N GLY A 234 -9.66 0.25 -15.53
CA GLY A 234 -9.65 -1.01 -14.80
C GLY A 234 -8.50 -1.92 -15.15
N LEU A 235 -8.14 -1.99 -16.44
CA LEU A 235 -7.00 -2.81 -16.85
C LEU A 235 -5.73 -2.27 -16.25
N SER A 236 -5.57 -0.95 -16.23
CA SER A 236 -4.39 -0.36 -15.62
C SER A 236 -4.30 -0.74 -14.16
N THR A 237 -5.39 -0.52 -13.39
CA THR A 237 -5.22 -0.76 -11.96
C THR A 237 -5.14 -2.25 -11.65
N SER A 238 -5.76 -3.12 -12.46
CA SER A 238 -5.61 -4.55 -12.20
C SER A 238 -4.23 -5.06 -12.59
N LEU A 239 -3.64 -4.48 -13.65
CA LEU A 239 -2.29 -4.89 -14.03
C LEU A 239 -1.29 -4.45 -12.98
N GLY A 240 -1.49 -3.26 -12.39
CA GLY A 240 -0.62 -2.81 -11.30
C GLY A 240 -0.73 -3.69 -10.06
N ILE A 241 -1.95 -4.12 -9.72
CA ILE A 241 -2.12 -5.05 -8.60
C ILE A 241 -1.47 -6.40 -8.93
N LEU A 242 -1.67 -6.88 -10.17
CA LEU A 242 -1.01 -8.11 -10.61
C LEU A 242 0.51 -7.98 -10.52
N ALA A 243 1.04 -6.81 -10.87
CA ALA A 243 2.48 -6.63 -10.74
C ALA A 243 2.93 -6.81 -9.29
N ASP A 244 2.26 -6.14 -8.35
CA ASP A 244 2.67 -6.28 -6.95
C ASP A 244 2.53 -7.73 -6.46
N ILE A 245 1.55 -8.47 -6.97
CA ILE A 245 1.36 -9.84 -6.51
C ILE A 245 2.46 -10.71 -7.06
N PHE A 246 2.89 -10.46 -8.29
CA PHE A 246 4.04 -11.17 -8.84
C PHE A 246 5.29 -10.92 -8.01
N VAL A 247 5.44 -9.71 -7.45
CA VAL A 247 6.63 -9.42 -6.67
C VAL A 247 6.62 -10.19 -5.36
N SER A 248 5.44 -10.34 -4.74
CA SER A 248 5.34 -11.05 -3.46
C SER A 248 5.32 -12.55 -3.64
N MET A 249 5.06 -13.02 -4.84
CA MET A 249 4.91 -14.43 -5.10
C MET A 249 6.18 -15.21 -4.82
N SER A 250 6.02 -16.43 -4.35
CA SER A 250 7.10 -17.39 -4.36
C SER A 250 7.35 -17.85 -5.79
N LYS A 251 8.57 -18.36 -6.04
CA LYS A 251 8.87 -18.92 -7.35
C LYS A 251 7.95 -20.09 -7.67
N ASN A 252 7.50 -20.84 -6.65
CA ASN A 252 6.52 -21.91 -6.89
C ASN A 252 5.14 -21.33 -7.21
N ASP A 253 4.70 -20.29 -6.48
CA ASP A 253 3.46 -19.58 -6.83
C ASP A 253 3.47 -19.18 -8.29
N TYR A 254 4.59 -18.60 -8.76
CA TYR A 254 4.66 -18.10 -10.12
C TYR A 254 4.69 -19.23 -11.14
N GLU A 255 5.37 -20.34 -10.81
CA GLU A 255 5.44 -21.45 -11.76
C GLU A 255 4.07 -22.08 -11.98
N LYS A 256 3.29 -22.26 -10.90
CA LYS A 256 1.94 -22.80 -11.00
C LYS A 256 1.07 -21.87 -11.85
N PHE A 257 1.04 -20.59 -11.49
CA PHE A 257 0.29 -19.61 -12.27
C PHE A 257 0.70 -19.63 -13.74
N LYS A 258 2.01 -19.74 -13.99
CA LYS A 258 2.52 -19.65 -15.37
C LYS A 258 2.08 -20.83 -16.23
N ASN A 259 2.02 -22.03 -15.65
CA ASN A 259 1.66 -23.23 -16.39
C ASN A 259 0.17 -23.57 -16.28
N ASN A 260 -0.61 -22.68 -15.67
CA ASN A 260 -2.06 -22.86 -15.55
C ASN A 260 -2.69 -22.73 -16.92
N PRO A 261 -3.35 -23.77 -17.45
CA PRO A 261 -3.87 -23.70 -18.83
C PRO A 261 -4.99 -22.69 -19.01
N GLN A 262 -5.65 -22.28 -17.92
CA GLN A 262 -6.73 -21.32 -18.01
C GLN A 262 -6.28 -19.86 -18.07
N ILE A 263 -5.01 -19.57 -17.75
CA ILE A 263 -4.46 -18.22 -17.88
C ILE A 263 -3.70 -18.14 -19.20
N ASN A 264 -4.07 -17.17 -20.02
CA ASN A 264 -3.45 -17.00 -21.32
C ASN A 264 -2.98 -15.56 -21.49
N LEU A 265 -2.08 -15.16 -20.61
CA LEU A 265 -1.55 -13.80 -20.56
C LEU A 265 -0.16 -13.78 -21.19
N SER A 266 0.09 -12.79 -22.05
CA SER A 266 1.40 -12.74 -22.70
C SER A 266 2.55 -12.55 -21.70
N LEU A 267 2.30 -11.83 -20.59
CA LEU A 267 3.33 -11.67 -19.56
C LEU A 267 3.88 -13.01 -19.13
N LEU A 268 3.00 -13.99 -18.91
CA LEU A 268 3.44 -15.27 -18.39
C LEU A 268 4.31 -16.03 -19.38
N LYS A 269 3.86 -16.12 -20.64
CA LYS A 269 4.58 -16.92 -21.62
C LYS A 269 5.87 -16.25 -22.07
N GLU A 270 5.89 -14.92 -22.11
CA GLU A 270 7.04 -14.21 -22.64
C GLU A 270 8.21 -14.12 -21.66
N PHE A 271 7.99 -14.33 -20.37
CA PHE A 271 9.05 -14.18 -19.39
C PHE A 271 9.07 -15.39 -18.47
N ASP A 272 10.23 -15.61 -17.84
CA ASP A 272 10.45 -16.81 -17.05
C ASP A 272 10.83 -16.49 -15.61
N HIS A 273 10.55 -15.28 -15.14
CA HIS A 273 10.89 -14.90 -13.77
C HIS A 273 9.83 -13.94 -13.26
N HIS A 274 9.39 -14.15 -12.01
CA HIS A 274 8.27 -13.38 -11.49
C HIS A 274 8.58 -11.88 -11.42
N LEU A 275 9.86 -11.50 -11.20
CA LEU A 275 10.19 -10.09 -11.23
C LEU A 275 10.05 -9.52 -12.63
N LEU A 276 10.40 -10.31 -13.65
CA LEU A 276 10.32 -9.81 -15.02
C LEU A 276 8.88 -9.71 -15.50
N SER A 277 8.06 -10.73 -15.21
CA SER A 277 6.62 -10.58 -15.44
C SER A 277 6.04 -9.38 -14.67
N ALA A 278 6.52 -9.13 -13.45
CA ALA A 278 6.08 -7.95 -12.72
C ALA A 278 6.46 -6.66 -13.46
N ALA A 279 7.70 -6.56 -13.93
CA ALA A 279 8.08 -5.34 -14.64
C ALA A 279 7.29 -5.18 -15.94
N GLU A 280 7.01 -6.29 -16.62
CA GLU A 280 6.19 -6.20 -17.82
C GLU A 280 4.76 -5.77 -17.49
N ALA A 281 4.17 -6.36 -16.45
CA ALA A 281 2.84 -5.95 -16.01
C ALA A 281 2.78 -4.47 -15.65
N CYS A 282 3.88 -3.92 -15.11
CA CYS A 282 3.91 -2.49 -14.80
C CYS A 282 3.99 -1.64 -16.07
N LYS A 283 4.69 -2.14 -17.08
CA LYS A 283 4.77 -1.42 -18.35
C LYS A 283 3.40 -1.34 -19.01
N LEU A 284 2.63 -2.43 -18.96
CA LEU A 284 1.27 -2.40 -19.46
C LEU A 284 0.37 -1.52 -18.60
N ALA A 285 0.54 -1.57 -17.27
CA ALA A 285 -0.24 -0.68 -16.41
C ALA A 285 0.00 0.79 -16.78
N ALA A 286 1.27 1.19 -16.94
CA ALA A 286 1.57 2.58 -17.29
C ALA A 286 0.98 2.95 -18.65
N ALA A 287 1.07 2.05 -19.63
CA ALA A 287 0.52 2.34 -20.97
C ALA A 287 -0.99 2.47 -20.95
N PHE A 288 -1.69 1.53 -20.33
CA PHE A 288 -3.15 1.66 -20.20
C PHE A 288 -3.55 2.91 -19.43
N SER A 289 -2.59 3.65 -18.86
CA SER A 289 -2.85 4.87 -18.12
C SER A 289 -2.06 6.04 -18.71
N ALA A 290 -1.80 5.99 -20.02
CA ALA A 290 -0.78 6.84 -20.63
C ALA A 290 -1.11 8.32 -20.56
N TYR A 291 -2.39 8.67 -20.37
CA TYR A 291 -2.78 10.06 -20.26
C TYR A 291 -2.86 10.56 -18.82
N THR A 292 -2.84 9.67 -17.83
CA THR A 292 -2.90 10.10 -16.45
C THR A 292 -1.50 10.04 -15.84
N PRO A 293 -0.72 11.12 -15.86
CA PRO A 293 0.70 11.02 -15.51
C PRO A 293 0.99 10.49 -14.10
N LEU A 294 0.03 10.52 -13.17
CA LEU A 294 0.38 10.06 -11.83
C LEU A 294 0.49 8.54 -11.79
N PHE A 295 -0.32 7.84 -12.58
CA PHE A 295 -0.27 6.39 -12.51
C PHE A 295 0.79 5.81 -13.43
N VAL A 296 1.23 6.59 -14.43
CA VAL A 296 2.46 6.27 -15.15
C VAL A 296 3.62 6.25 -14.18
N LEU A 297 3.82 7.36 -13.47
CA LEU A 297 4.93 7.48 -12.53
C LEU A 297 4.92 6.34 -11.51
N THR A 298 3.76 6.10 -10.89
CA THR A 298 3.63 5.02 -9.93
C THR A 298 4.05 3.68 -10.54
N ALA A 299 3.55 3.39 -11.73
CA ALA A 299 3.80 2.10 -12.37
C ALA A 299 5.27 1.94 -12.74
N VAL A 300 5.89 2.99 -13.29
CA VAL A 300 7.27 2.80 -13.74
C VAL A 300 8.24 2.75 -12.55
N ASN A 301 7.93 3.43 -11.43
CA ASN A 301 8.75 3.27 -10.22
C ASN A 301 8.76 1.83 -9.75
N ILE A 302 7.59 1.17 -9.73
CA ILE A 302 7.55 -0.25 -9.43
C ILE A 302 8.30 -1.06 -10.48
N ARG A 303 8.20 -0.66 -11.75
CA ARG A 303 8.96 -1.32 -12.81
C ARG A 303 10.47 -1.18 -12.57
N GLY A 304 10.94 0.04 -12.30
CA GLY A 304 12.35 0.25 -12.02
C GLY A 304 12.84 -0.54 -10.82
N THR A 305 12.00 -0.65 -9.79
CA THR A 305 12.33 -1.40 -8.59
C THR A 305 12.47 -2.89 -8.89
N CYS A 306 11.55 -3.44 -9.69
CA CYS A 306 11.63 -4.84 -10.10
C CYS A 306 12.91 -5.12 -10.86
N LEU A 307 13.29 -4.20 -11.75
CA LEU A 307 14.44 -4.45 -12.60
C LEU A 307 15.74 -4.25 -11.82
N LEU A 308 15.74 -3.31 -10.87
CA LEU A 308 16.84 -3.19 -9.92
C LEU A 308 16.98 -4.47 -9.11
N SER A 309 15.88 -5.03 -8.64
CA SER A 309 15.94 -6.27 -7.87
C SER A 309 16.41 -7.42 -8.75
N TYR A 310 15.79 -7.58 -9.93
CA TYR A 310 16.16 -8.68 -10.82
C TYR A 310 17.61 -8.60 -11.24
N SER A 311 18.05 -7.42 -11.65
CA SER A 311 19.38 -7.30 -12.22
C SER A 311 20.48 -7.50 -11.19
N SER A 312 20.18 -7.35 -9.90
CA SER A 312 21.17 -7.67 -8.88
C SER A 312 20.98 -9.05 -8.25
N SER A 313 20.02 -9.84 -8.72
CA SER A 313 19.80 -11.17 -8.16
C SER A 313 20.65 -12.23 -8.86
N ASN A 314 20.77 -13.39 -8.22
CA ASN A 314 21.58 -14.43 -8.84
C ASN A 314 20.87 -15.08 -10.01
N ASP A 315 19.62 -14.71 -10.28
CA ASP A 315 18.85 -15.21 -11.41
C ASP A 315 19.12 -14.45 -12.70
N CYS A 316 19.85 -13.36 -12.66
CA CYS A 316 20.06 -12.56 -13.85
C CYS A 316 21.33 -13.06 -14.57
N PRO A 317 21.23 -13.49 -15.82
CA PRO A 317 22.46 -13.78 -16.58
C PRO A 317 23.40 -12.61 -16.53
N PRO A 318 24.67 -12.83 -16.16
CA PRO A 318 25.63 -11.72 -16.05
C PRO A 318 25.74 -10.87 -17.30
N GLU A 319 25.63 -11.49 -18.47
CA GLU A 319 25.69 -10.74 -19.71
C GLU A 319 24.42 -9.91 -19.93
N LEU A 320 23.34 -10.21 -19.20
CA LEU A 320 22.11 -9.45 -19.33
C LEU A 320 21.95 -8.40 -18.24
N LYS A 321 22.89 -8.34 -17.30
CA LYS A 321 22.78 -7.39 -16.19
C LYS A 321 22.69 -5.95 -16.70
N ASN A 322 23.60 -5.54 -17.57
CA ASN A 322 23.56 -4.18 -18.07
C ASN A 322 22.24 -3.88 -18.77
N LEU A 323 21.73 -4.85 -19.54
CA LEU A 323 20.51 -4.60 -20.29
C LEU A 323 19.33 -4.30 -19.36
N HIS A 324 19.16 -5.10 -18.31
CA HIS A 324 18.04 -4.85 -17.42
C HIS A 324 18.24 -3.56 -16.63
N LEU A 325 19.49 -3.21 -16.29
CA LEU A 325 19.71 -1.95 -15.60
C LEU A 325 19.37 -0.76 -16.48
N CYS A 326 19.63 -0.84 -17.78
CA CYS A 326 19.20 0.22 -18.69
C CYS A 326 17.67 0.26 -18.86
N GLU A 327 17.00 -0.87 -18.81
CA GLU A 327 15.55 -0.86 -18.70
C GLU A 327 15.10 -0.19 -17.41
N ALA A 328 15.76 -0.49 -16.27
CA ALA A 328 15.44 0.25 -15.05
C ALA A 328 15.68 1.74 -15.22
N LYS A 329 16.82 2.09 -15.81
CA LYS A 329 17.13 3.48 -16.13
C LYS A 329 15.99 4.13 -16.88
N GLU A 330 15.55 3.49 -17.96
CA GLU A 330 14.49 4.07 -18.79
C GLU A 330 13.21 4.28 -18.01
N ALA A 331 12.87 3.33 -17.12
CA ALA A 331 11.61 3.41 -16.41
C ALA A 331 11.59 4.64 -15.51
N PHE A 332 12.60 4.76 -14.63
CA PHE A 332 12.68 5.89 -13.72
C PHE A 332 12.66 7.21 -14.48
N GLU A 333 13.31 7.24 -15.64
CA GLU A 333 13.33 8.43 -16.48
C GLU A 333 11.93 8.79 -16.95
N ILE A 334 11.18 7.81 -17.46
CA ILE A 334 9.80 8.09 -17.84
C ILE A 334 9.05 8.70 -16.66
N GLY A 335 9.25 8.15 -15.46
CA GLY A 335 8.64 8.72 -14.26
C GLY A 335 9.02 10.17 -14.03
N LEU A 336 10.31 10.50 -14.14
CA LEU A 336 10.73 11.88 -13.94
C LEU A 336 10.16 12.80 -15.02
N LEU A 337 9.98 12.28 -16.22
CA LEU A 337 9.42 13.02 -17.35
C LEU A 337 7.91 13.19 -17.26
N THR A 338 7.22 12.57 -16.29
CA THR A 338 5.77 12.77 -16.20
C THR A 338 5.39 14.17 -15.76
N LYS A 339 6.34 15.01 -15.41
CA LYS A 339 6.03 16.40 -15.07
C LYS A 339 6.99 17.30 -15.83
N ARG A 340 6.42 18.25 -16.57
CA ARG A 340 7.20 19.29 -17.21
C ARG A 340 7.82 20.18 -16.14
N ASP A 341 8.97 20.77 -16.47
CA ASP A 341 9.83 21.48 -15.52
C ASP A 341 9.12 22.28 -14.43
N ASP A 342 8.60 23.47 -14.75
CA ASP A 342 8.00 24.35 -13.73
C ASP A 342 6.47 24.23 -13.74
N GLU A 343 5.97 23.06 -13.30
CA GLU A 343 4.54 22.76 -13.32
C GLU A 343 4.10 22.14 -11.98
N PRO A 344 2.96 22.59 -11.44
CA PRO A 344 2.63 22.31 -10.03
C PRO A 344 2.51 20.83 -9.72
N VAL A 345 2.85 20.50 -8.48
CA VAL A 345 2.64 19.16 -7.92
C VAL A 345 2.04 19.33 -6.54
N THR A 346 0.93 18.65 -6.28
CA THR A 346 0.05 18.95 -5.16
C THR A 346 0.15 17.97 -4.00
N GLY A 347 0.11 16.64 -4.26
CA GLY A 347 -0.03 15.67 -3.19
C GLY A 347 1.29 15.14 -2.65
N LYS A 348 1.24 14.62 -1.42
CA LYS A 348 2.46 14.07 -0.82
C LYS A 348 2.89 12.79 -1.51
N GLN A 349 1.92 11.92 -1.86
CA GLN A 349 2.21 10.68 -2.57
C GLN A 349 3.00 10.92 -3.86
N GLU A 350 2.49 11.81 -4.71
CA GLU A 350 3.19 12.12 -5.96
C GLU A 350 4.53 12.79 -5.71
N LEU A 351 4.66 13.58 -4.63
CA LEU A 351 5.94 14.20 -4.31
C LEU A 351 6.97 13.12 -3.97
N HIS A 352 6.61 12.23 -3.05
CA HIS A 352 7.45 11.10 -2.70
C HIS A 352 7.80 10.25 -3.92
N SER A 353 6.79 9.88 -4.72
CA SER A 353 7.05 9.08 -5.91
C SER A 353 8.09 9.74 -6.79
N PHE A 354 8.08 11.06 -6.88
CA PHE A 354 9.05 11.78 -7.70
C PHE A 354 10.44 11.70 -7.11
N VAL A 355 10.56 11.91 -5.80
CA VAL A 355 11.86 11.76 -5.16
C VAL A 355 12.35 10.33 -5.35
N LYS A 356 11.42 9.37 -5.34
CA LYS A 356 11.81 7.97 -5.44
C LYS A 356 12.32 7.64 -6.83
N ALA A 357 11.74 8.25 -7.87
CA ALA A 357 12.24 8.03 -9.22
C ALA A 357 13.60 8.66 -9.43
N ALA A 358 13.84 9.81 -8.80
CA ALA A 358 15.16 10.45 -8.94
C ALA A 358 16.24 9.61 -8.28
N PHE A 359 15.98 9.10 -7.08
CA PHE A 359 16.96 8.25 -6.43
C PHE A 359 17.08 6.90 -7.13
N GLY A 360 15.98 6.38 -7.69
CA GLY A 360 16.08 5.16 -8.49
C GLY A 360 16.97 5.35 -9.70
N LEU A 361 16.82 6.47 -10.40
CA LEU A 361 17.71 6.76 -11.52
C LEU A 361 19.16 6.86 -11.05
N THR A 362 19.39 7.58 -9.95
CA THR A 362 20.74 7.71 -9.39
C THR A 362 21.31 6.35 -9.03
N THR A 363 20.47 5.49 -8.44
CA THR A 363 20.91 4.16 -8.08
C THR A 363 21.30 3.35 -9.31
N VAL A 364 20.56 3.50 -10.41
CA VAL A 364 20.90 2.72 -11.60
C VAL A 364 22.28 3.13 -12.10
N HIS A 365 22.51 4.43 -12.23
CA HIS A 365 23.85 4.92 -12.57
C HIS A 365 24.90 4.40 -11.60
N ARG A 366 24.61 4.43 -10.30
CA ARG A 366 25.51 3.82 -9.33
C ARG A 366 25.78 2.35 -9.66
N ARG A 367 24.74 1.57 -10.00
CA ARG A 367 24.95 0.15 -10.25
C ARG A 367 25.74 -0.08 -11.53
N LEU A 368 25.58 0.81 -12.53
CA LEU A 368 26.26 0.66 -13.80
C LEU A 368 27.70 1.12 -13.74
N HIS A 369 27.96 2.21 -13.02
CA HIS A 369 29.19 2.96 -13.16
C HIS A 369 29.94 3.19 -11.85
N GLY A 370 29.37 2.80 -10.71
CA GLY A 370 30.00 3.01 -9.44
C GLY A 370 29.89 4.44 -8.97
N GLU A 371 30.63 4.72 -7.90
CA GLU A 371 30.54 6.00 -7.19
C GLU A 371 31.41 7.03 -7.91
N THR A 372 30.89 7.53 -9.02
CA THR A 372 31.52 8.57 -9.81
C THR A 372 31.17 9.95 -9.25
N GLY A 373 31.88 10.96 -9.76
CA GLY A 373 31.52 12.32 -9.41
C GLY A 373 30.08 12.66 -9.70
N THR A 374 29.56 12.18 -10.84
CA THR A 374 28.19 12.53 -11.18
C THR A 374 27.18 11.72 -10.38
N VAL A 375 27.54 10.49 -9.97
CA VAL A 375 26.68 9.72 -9.07
C VAL A 375 26.58 10.43 -7.71
N HIS A 376 27.71 10.90 -7.18
CA HIS A 376 27.70 11.53 -5.86
C HIS A 376 26.91 12.84 -5.90
N ALA A 377 27.20 13.68 -6.89
CA ALA A 377 26.43 14.91 -7.06
C ALA A 377 24.93 14.63 -7.14
N ALA A 378 24.54 13.66 -7.97
CA ALA A 378 23.14 13.30 -8.06
C ALA A 378 22.62 12.79 -6.72
N SER A 379 23.39 11.94 -6.07
CA SER A 379 23.00 11.45 -4.73
C SER A 379 22.79 12.61 -3.76
N GLN A 380 23.68 13.61 -3.79
CA GLN A 380 23.53 14.78 -2.92
C GLN A 380 22.21 15.51 -3.21
N LEU A 381 21.88 15.66 -4.50
CA LEU A 381 20.62 16.27 -4.91
C LEU A 381 19.42 15.51 -4.37
N CYS A 382 19.49 14.17 -4.36
CA CYS A 382 18.40 13.37 -3.82
C CYS A 382 18.24 13.59 -2.32
N LYS A 383 19.35 13.73 -1.59
CA LYS A 383 19.25 14.01 -0.16
C LYS A 383 18.61 15.37 0.07
N GLU A 384 19.05 16.38 -0.69
CA GLU A 384 18.45 17.71 -0.58
C GLU A 384 16.95 17.64 -0.81
N ALA A 385 16.53 16.97 -1.89
CA ALA A 385 15.10 16.83 -2.14
C ALA A 385 14.42 16.04 -1.02
N MET A 386 15.11 15.06 -0.44
CA MET A 386 14.54 14.30 0.66
C MET A 386 14.24 15.21 1.85
N GLY A 387 15.16 16.12 2.16
CA GLY A 387 14.90 17.08 3.22
C GLY A 387 13.69 17.95 2.94
N LYS A 388 13.63 18.54 1.75
CA LYS A 388 12.49 19.39 1.43
C LYS A 388 11.20 18.57 1.42
N LEU A 389 11.26 17.28 1.07
CA LEU A 389 10.05 16.46 1.06
C LEU A 389 9.54 16.19 2.46
N TYR A 390 10.45 15.99 3.41
CA TYR A 390 10.02 15.76 4.79
C TYR A 390 9.45 17.04 5.39
N ASN A 391 10.07 18.18 5.08
CA ASN A 391 9.49 19.46 5.47
C ASN A 391 8.08 19.63 4.92
N PHE A 392 7.86 19.22 3.66
CA PHE A 392 6.51 19.25 3.10
C PHE A 392 5.55 18.38 3.93
N SER A 393 5.95 17.17 4.29
CA SER A 393 5.02 16.26 4.94
C SER A 393 4.75 16.63 6.40
N THR A 394 5.44 17.63 6.95
CA THR A 394 5.28 18.04 8.35
C THR A 394 4.80 19.50 8.44
N SER A 395 4.21 20.00 7.37
CA SER A 395 3.68 21.37 7.31
C SER A 395 2.16 21.34 7.41
N SER A 396 1.61 22.51 7.78
CA SER A 396 0.17 22.69 7.88
C SER A 396 -0.33 23.90 7.09
N ARG A 397 0.35 25.04 7.17
CA ARG A 397 -0.04 26.21 6.41
C ARG A 397 0.10 25.94 4.91
N SER A 398 -0.94 26.29 4.15
CA SER A 398 -0.97 25.98 2.73
C SER A 398 0.18 26.64 1.98
N GLN A 399 0.49 27.89 2.34
CA GLN A 399 1.59 28.59 1.71
C GLN A 399 2.87 27.77 1.76
N ASP A 400 3.09 27.08 2.88
CA ASP A 400 4.27 26.23 3.03
C ASP A 400 4.21 25.06 2.04
N ARG A 401 3.14 24.27 2.11
CA ARG A 401 3.01 23.09 1.28
C ARG A 401 3.16 23.46 -0.20
N GLU A 402 2.64 24.62 -0.60
CA GLU A 402 2.83 25.05 -1.97
C GLU A 402 4.28 25.48 -2.22
N ALA A 403 4.92 26.11 -1.22
CA ALA A 403 6.26 26.64 -1.41
C ALA A 403 7.32 25.56 -1.34
N LEU A 404 7.15 24.58 -0.45
CA LEU A 404 8.10 23.49 -0.35
C LEU A 404 7.97 22.54 -1.53
N SER A 405 6.74 22.21 -1.92
CA SER A 405 6.52 21.38 -3.11
C SER A 405 7.26 21.94 -4.32
N GLN A 406 7.19 23.26 -4.51
CA GLN A 406 8.02 23.91 -5.52
C GLN A 406 9.49 23.58 -5.32
N GLU A 407 9.94 23.57 -4.07
CA GLU A 407 11.36 23.39 -3.80
C GLU A 407 11.80 21.97 -4.16
N VAL A 408 11.02 20.95 -3.79
CA VAL A 408 11.44 19.61 -4.17
C VAL A 408 11.30 19.41 -5.68
N MET A 409 10.30 20.03 -6.32
CA MET A 409 10.21 19.92 -7.77
C MET A 409 11.34 20.70 -8.44
N SER A 410 11.80 21.78 -7.81
CA SER A 410 12.95 22.49 -8.33
C SER A 410 14.19 21.59 -8.31
N VAL A 411 14.34 20.81 -7.24
CA VAL A 411 15.47 19.91 -7.14
C VAL A 411 15.32 18.74 -8.12
N ILE A 412 14.10 18.27 -8.33
CA ILE A 412 13.91 17.18 -9.26
C ILE A 412 14.32 17.60 -10.65
N ALA A 413 13.90 18.80 -11.07
CA ALA A 413 14.39 19.38 -12.31
C ALA A 413 15.91 19.42 -12.35
N GLN A 414 16.55 19.76 -11.23
CA GLN A 414 18.01 19.72 -11.22
C GLN A 414 18.53 18.33 -11.52
N VAL A 415 17.82 17.30 -11.04
CA VAL A 415 18.31 15.94 -11.20
C VAL A 415 18.19 15.48 -12.64
N LYS A 416 17.09 15.83 -13.31
CA LYS A 416 16.94 15.46 -14.71
C LYS A 416 18.03 16.11 -15.55
N GLU A 417 18.23 17.41 -15.36
CA GLU A 417 19.30 18.12 -16.06
C GLU A 417 20.67 17.50 -15.76
N HIS A 418 20.91 17.12 -14.51
CA HIS A 418 22.24 16.64 -14.16
C HIS A 418 22.55 15.28 -14.76
N LEU A 419 21.55 14.41 -14.92
CA LEU A 419 21.77 13.06 -15.42
C LEU A 419 21.36 12.92 -16.87
N GLN A 420 21.05 14.02 -17.55
CA GLN A 420 20.85 14.01 -18.98
C GLN A 420 19.59 13.23 -19.34
N VAL A 421 18.52 13.48 -18.58
CA VAL A 421 17.28 12.79 -18.86
C VAL A 421 16.75 13.35 -20.17
N GLN A 422 16.85 12.54 -21.21
CA GLN A 422 16.40 12.89 -22.55
C GLN A 422 14.90 12.64 -22.67
N SER A 423 14.17 13.66 -23.09
CA SER A 423 12.76 13.45 -23.37
C SER A 423 12.63 12.44 -24.50
N PHE A 424 11.59 11.61 -24.42
CA PHE A 424 11.22 10.77 -25.55
C PHE A 424 10.16 11.50 -26.37
N SER A 425 10.12 11.22 -27.66
CA SER A 425 9.08 11.75 -28.51
C SER A 425 8.10 10.64 -28.82
N ASN A 426 6.82 10.91 -28.61
CA ASN A 426 5.74 10.02 -28.97
C ASN A 426 4.78 10.78 -29.86
N VAL A 427 4.22 10.04 -30.82
CA VAL A 427 3.30 10.64 -31.80
C VAL A 427 2.12 11.30 -31.11
N ASP A 428 1.62 10.68 -30.03
CA ASP A 428 0.51 11.24 -29.27
C ASP A 428 1.08 12.32 -28.38
N ASP A 429 0.68 13.56 -28.66
CA ASP A 429 1.16 14.75 -27.99
C ASP A 429 1.01 14.64 -26.48
N ARG A 430 -0.04 13.98 -26.01
CA ARG A 430 -0.40 14.00 -24.59
C ARG A 430 -0.20 12.66 -23.89
N SER A 431 0.53 11.72 -24.50
CA SER A 431 0.91 10.47 -23.85
C SER A 431 2.17 10.68 -23.02
N TYR A 432 2.14 10.20 -21.77
CA TYR A 432 3.32 10.28 -20.91
C TYR A 432 4.15 8.99 -20.97
N VAL A 433 3.94 8.19 -22.00
CA VAL A 433 4.56 6.88 -22.14
C VAL A 433 5.14 6.79 -23.55
N PRO A 434 6.34 6.26 -23.75
CA PRO A 434 6.90 6.16 -25.10
C PRO A 434 6.13 5.18 -25.98
N GLU A 435 6.40 5.28 -27.29
CA GLU A 435 5.68 4.44 -28.26
C GLU A 435 5.97 2.97 -28.03
N SER A 436 7.18 2.64 -27.58
CA SER A 436 7.51 1.25 -27.28
C SER A 436 6.57 0.66 -26.24
N PHE A 437 6.15 1.46 -25.25
CA PHE A 437 5.25 0.94 -24.23
C PHE A 437 3.88 0.54 -24.80
N GLU A 438 3.40 1.20 -25.84
CA GLU A 438 1.97 1.16 -26.16
C GLU A 438 1.51 -0.09 -26.93
N CYS A 439 2.30 -1.16 -27.05
CA CYS A 439 1.84 -2.35 -27.77
C CYS A 439 1.03 -3.25 -26.83
N ARG A 440 -0.30 -3.18 -26.94
CA ARG A 440 -1.19 -3.74 -25.92
C ARG A 440 -2.49 -4.23 -26.56
N LEU A 441 -3.53 -4.41 -25.72
CA LEU A 441 -4.92 -4.76 -26.03
C LEU A 441 -5.09 -6.12 -26.69
N ASP A 442 -4.85 -6.19 -28.00
CA ASP A 442 -4.87 -7.47 -28.68
C ASP A 442 -3.67 -8.34 -28.28
N LYS A 443 -2.58 -7.71 -27.84
CA LYS A 443 -1.37 -8.41 -27.44
C LYS A 443 -1.39 -8.82 -25.97
N LEU A 444 -2.44 -8.46 -25.23
CA LEU A 444 -2.51 -8.77 -23.81
C LEU A 444 -2.80 -10.24 -23.59
N ILE A 445 -3.83 -10.76 -24.25
CA ILE A 445 -4.22 -12.16 -24.22
C ILE A 445 -3.99 -12.73 -25.61
N LEU A 446 -3.20 -13.79 -25.70
CA LEU A 446 -2.83 -14.35 -26.99
C LEU A 446 -3.36 -15.77 -27.18
N GLN B 1 41.77 -6.83 17.10
CA GLN B 1 41.81 -6.24 15.76
C GLN B 1 42.57 -4.90 15.74
N THR B 2 43.30 -4.70 14.65
CA THR B 2 44.02 -3.47 14.39
C THR B 2 43.05 -2.37 13.97
N SER B 3 43.58 -1.16 13.77
CA SER B 3 42.75 -0.13 13.19
C SER B 3 42.30 -0.50 11.78
N GLN B 4 43.18 -1.14 11.00
CA GLN B 4 42.83 -1.50 9.64
C GLN B 4 41.75 -2.58 9.61
N GLU B 5 41.76 -3.52 10.56
CA GLU B 5 40.73 -4.55 10.57
C GLU B 5 39.34 -3.99 10.92
N ILE B 6 39.30 -2.89 11.66
CA ILE B 6 38.02 -2.23 11.93
C ILE B 6 37.56 -1.43 10.71
N LEU B 7 38.51 -0.79 10.02
CA LEU B 7 38.20 -0.11 8.77
C LEU B 7 37.70 -1.09 7.71
N GLU B 8 38.28 -2.29 7.66
CA GLU B 8 37.78 -3.30 6.71
C GLU B 8 36.40 -3.82 7.13
N ALA B 9 36.10 -3.85 8.43
CA ALA B 9 34.82 -4.41 8.85
C ALA B 9 33.68 -3.45 8.54
N ARG B 10 33.92 -2.15 8.64
CA ARG B 10 32.89 -1.14 8.40
C ARG B 10 32.79 -0.71 6.94
N THR B 11 33.63 -1.25 6.06
CA THR B 11 33.63 -0.85 4.66
C THR B 11 33.09 -2.00 3.83
N LEU B 12 31.96 -1.77 3.15
CA LEU B 12 31.41 -2.77 2.25
C LEU B 12 32.16 -2.69 0.92
N GLN B 13 32.96 -3.70 0.63
CA GLN B 13 33.57 -3.79 -0.69
C GLN B 13 32.50 -4.09 -1.74
N PRO B 14 32.76 -3.77 -3.01
CA PRO B 14 31.76 -4.06 -4.06
C PRO B 14 31.26 -5.49 -4.04
N ASP B 15 32.13 -6.45 -3.72
CA ASP B 15 31.70 -7.85 -3.63
C ASP B 15 30.69 -8.03 -2.49
N ASP B 16 30.98 -7.44 -1.32
CA ASP B 16 30.03 -7.45 -0.21
C ASP B 16 28.69 -6.86 -0.63
N LEU B 17 28.72 -5.64 -1.17
CA LEU B 17 27.49 -5.00 -1.59
C LEU B 17 26.74 -5.86 -2.60
N GLU B 18 27.46 -6.55 -3.48
CA GLU B 18 26.79 -7.42 -4.45
C GLU B 18 26.11 -8.60 -3.78
N LYS B 19 26.76 -9.22 -2.78
CA LYS B 19 26.10 -10.28 -2.05
C LYS B 19 24.85 -9.75 -1.34
N LEU B 20 24.96 -8.60 -0.70
CA LEU B 20 23.83 -8.06 0.04
C LEU B 20 22.64 -7.80 -0.87
N LEU B 21 22.89 -7.27 -2.08
CA LEU B 21 21.77 -6.96 -2.96
C LEU B 21 21.17 -8.20 -3.58
N ALA B 22 21.91 -9.31 -3.62
CA ALA B 22 21.36 -10.55 -4.16
C ALA B 22 20.56 -11.30 -3.10
N GLY B 23 20.93 -11.16 -1.83
CA GLY B 23 20.33 -12.02 -0.83
C GLY B 23 21.46 -12.87 -0.19
N VAL B 24 21.44 -12.88 1.13
CA VAL B 24 22.56 -13.39 1.90
C VAL B 24 22.04 -14.18 3.10
N ARG B 25 22.70 -15.31 3.38
CA ARG B 25 22.37 -16.15 4.51
C ARG B 25 22.53 -15.42 5.84
N HIS B 26 21.62 -15.73 6.77
CA HIS B 26 21.66 -15.14 8.11
C HIS B 26 23.03 -15.34 8.78
N ASP B 27 23.61 -16.54 8.62
CA ASP B 27 24.91 -16.79 9.22
C ASP B 27 26.00 -15.92 8.60
N TRP B 28 25.90 -15.69 7.29
CA TRP B 28 26.88 -14.84 6.64
C TRP B 28 26.76 -13.41 7.14
N LEU B 29 25.54 -12.90 7.29
CA LEU B 29 25.41 -11.51 7.72
C LEU B 29 25.92 -11.34 9.15
N LEU B 30 25.58 -12.27 10.04
CA LEU B 30 26.05 -12.14 11.43
C LEU B 30 27.57 -12.13 11.49
N GLN B 31 28.22 -13.00 10.71
CA GLN B 31 29.67 -13.07 10.71
C GLN B 31 30.30 -11.79 10.19
N ARG B 32 29.71 -11.21 9.15
CA ARG B 32 30.30 -10.09 8.44
C ARG B 32 30.24 -8.80 9.25
N LEU B 33 29.29 -8.68 10.19
CA LEU B 33 29.11 -7.45 10.98
C LEU B 33 29.31 -7.68 12.48
N GLU B 34 29.87 -8.82 12.88
CA GLU B 34 30.05 -9.09 14.31
C GLU B 34 31.05 -8.12 14.94
N ASN B 35 32.22 -7.94 14.33
CA ASN B 35 33.32 -7.13 14.87
C ASN B 35 33.31 -5.73 14.29
N THR B 36 32.14 -5.10 14.26
CA THR B 36 32.02 -3.77 13.73
C THR B 36 32.34 -2.69 14.77
N GLY B 37 32.13 -2.99 16.06
CA GLY B 37 32.25 -1.99 17.10
C GLY B 37 30.95 -1.25 17.27
N VAL B 38 30.99 -0.20 18.09
CA VAL B 38 29.84 0.70 18.20
C VAL B 38 29.93 1.73 17.08
N LEU B 39 28.84 1.89 16.33
CA LEU B 39 28.75 2.94 15.32
C LEU B 39 28.29 4.22 15.98
N LYS B 40 28.87 5.35 15.58
CA LYS B 40 28.46 6.62 16.19
C LYS B 40 26.99 6.90 15.89
N SER B 41 26.43 7.84 16.66
CA SER B 41 25.07 8.27 16.43
C SER B 41 24.96 9.12 15.16
N ASN B 42 23.83 9.02 14.48
CA ASN B 42 23.64 9.73 13.23
C ASN B 42 23.09 11.12 13.48
N GLN B 43 23.53 12.07 12.67
CA GLN B 43 23.04 13.44 12.77
C GLN B 43 21.55 13.49 12.43
N LEU B 44 20.78 14.15 13.31
CA LEU B 44 19.36 14.36 13.10
C LEU B 44 19.12 15.63 12.28
N GLN B 45 17.87 15.82 11.83
CA GLN B 45 17.51 16.85 10.84
C GLN B 45 18.44 16.79 9.64
N GLN B 46 18.60 15.59 9.07
CA GLN B 46 19.47 15.41 7.92
C GLN B 46 19.08 14.14 7.18
N ALA B 47 19.27 14.16 5.85
CA ALA B 47 19.11 12.98 5.01
C ALA B 47 20.42 12.20 4.93
N HIS B 48 20.32 10.88 4.86
CA HIS B 48 21.46 9.99 4.77
C HIS B 48 21.22 8.90 3.76
N SER B 49 22.29 8.42 3.12
CA SER B 49 22.18 7.18 2.35
C SER B 49 22.07 5.99 3.32
N ALA B 50 21.27 5.00 2.91
CA ALA B 50 21.07 3.84 3.76
C ALA B 50 20.91 2.60 2.92
N LEU B 51 21.21 1.45 3.53
CA LEU B 51 20.80 0.13 3.06
C LEU B 51 19.63 -0.32 3.90
N LEU B 52 18.49 -0.52 3.26
CA LEU B 52 17.36 -1.19 3.86
C LEU B 52 17.61 -2.70 3.87
N LEU B 53 17.58 -3.33 5.04
CA LEU B 53 17.77 -4.76 5.14
C LEU B 53 16.45 -5.42 5.54
N LYS B 54 16.03 -6.40 4.75
CA LYS B 54 14.83 -7.19 4.99
C LYS B 54 15.21 -8.66 5.09
N TYR B 55 14.71 -9.33 6.11
CA TYR B 55 14.89 -10.76 6.24
C TYR B 55 13.64 -11.47 5.76
N SER B 56 13.81 -12.58 5.06
CA SER B 56 12.69 -13.39 4.59
C SER B 56 12.73 -14.75 5.29
N LYS B 57 11.66 -15.07 6.03
CA LYS B 57 11.66 -16.35 6.73
C LYS B 57 11.53 -17.52 5.74
N LYS B 58 10.90 -17.30 4.59
CA LYS B 58 10.79 -18.38 3.60
C LYS B 58 12.14 -18.72 3.01
N SER B 59 12.84 -17.72 2.44
CA SER B 59 14.13 -17.99 1.80
C SER B 59 15.28 -18.02 2.79
N GLU B 60 15.05 -17.56 4.02
CA GLU B 60 16.12 -17.39 5.01
C GLU B 60 17.29 -16.60 4.42
N LEU B 61 16.96 -15.46 3.85
CA LEU B 61 17.93 -14.57 3.25
C LEU B 61 17.63 -13.14 3.67
N TRP B 62 18.70 -12.39 3.90
CA TRP B 62 18.61 -10.96 4.09
C TRP B 62 18.88 -10.30 2.74
N THR B 63 18.03 -9.36 2.36
CA THR B 63 18.21 -8.66 1.10
C THR B 63 18.28 -7.17 1.37
N ALA B 64 19.33 -6.54 0.85
CA ALA B 64 19.54 -5.10 0.95
C ALA B 64 18.95 -4.39 -0.25
N GLN B 65 18.35 -3.22 0.01
CA GLN B 65 18.05 -2.22 -1.03
C GLN B 65 18.62 -0.88 -0.61
N GLU B 66 19.24 -0.16 -1.57
CA GLU B 66 19.63 1.21 -1.33
C GLU B 66 18.39 2.07 -1.14
N THR B 67 18.43 2.98 -0.17
CA THR B 67 17.37 3.96 -0.03
C THR B 67 17.94 5.23 0.57
N VAL B 68 17.09 6.23 0.76
CA VAL B 68 17.46 7.47 1.42
C VAL B 68 16.53 7.67 2.61
N VAL B 69 17.09 8.05 3.75
CA VAL B 69 16.29 8.23 4.96
C VAL B 69 16.53 9.64 5.48
N TYR B 70 15.44 10.34 5.80
CA TYR B 70 15.53 11.58 6.54
C TYR B 70 15.30 11.25 8.00
N LEU B 71 16.19 11.72 8.86
CA LEU B 71 16.02 11.61 10.30
C LEU B 71 15.55 12.96 10.80
N GLY B 72 14.39 13.00 11.43
CA GLY B 72 13.82 14.24 11.89
C GLY B 72 14.07 14.45 13.37
N ASP B 73 13.14 15.17 14.00
CA ASP B 73 13.27 15.58 15.39
C ASP B 73 13.09 14.40 16.33
N TYR B 74 13.61 14.59 17.54
CA TYR B 74 13.25 13.72 18.65
C TYR B 74 11.75 13.83 18.95
N LEU B 75 11.13 12.68 19.21
CA LEU B 75 9.75 12.69 19.70
C LEU B 75 9.71 13.30 21.09
N LYS B 76 8.76 14.18 21.35
CA LYS B 76 8.76 14.84 22.67
C LYS B 76 8.46 13.83 23.83
N ASN B 85 16.10 6.77 22.90
CA ASN B 85 15.31 7.94 22.51
C ASN B 85 14.93 7.94 21.01
N ALA B 86 13.63 8.07 20.77
CA ALA B 86 13.04 7.93 19.44
C ALA B 86 12.97 9.25 18.70
N PHE B 87 13.14 9.17 17.38
CA PHE B 87 13.08 10.34 16.49
C PHE B 87 12.24 9.99 15.26
N TRP B 88 11.71 11.02 14.61
CA TRP B 88 10.93 10.78 13.40
C TRP B 88 11.86 10.39 12.25
N VAL B 89 11.38 9.51 11.37
CA VAL B 89 12.12 9.15 10.16
C VAL B 89 11.16 9.03 8.98
N HIS B 90 11.70 9.24 7.79
CA HIS B 90 10.96 9.07 6.55
C HIS B 90 11.96 8.54 5.54
N TYR B 91 11.66 7.39 4.94
CA TYR B 91 12.56 6.84 3.94
C TYR B 91 11.76 6.45 2.70
N LEU B 92 12.45 6.40 1.56
CA LEU B 92 11.78 6.29 0.28
C LEU B 92 11.09 4.95 0.09
N HIS B 93 11.54 3.90 0.77
CA HIS B 93 10.98 2.58 0.59
C HIS B 93 10.03 2.17 1.70
N GLN B 94 9.55 3.12 2.50
CA GLN B 94 8.71 2.78 3.64
C GLN B 94 7.36 2.27 3.14
N GLU B 95 6.80 1.31 3.86
CA GLU B 95 5.61 0.60 3.38
C GLU B 95 4.46 1.57 3.12
N GLU B 96 4.08 2.34 4.12
CA GLU B 96 2.98 3.29 4.01
C GLU B 96 3.60 4.66 3.78
N THR B 97 3.61 5.09 2.52
CA THR B 97 4.33 6.33 2.22
C THR B 97 3.68 7.53 2.88
N LEU B 98 2.36 7.51 3.10
CA LEU B 98 1.71 8.59 3.84
C LEU B 98 1.81 8.43 5.36
N GLY B 99 2.17 7.25 5.85
CA GLY B 99 2.29 7.07 7.29
C GLY B 99 3.49 7.80 7.87
N ARG B 100 3.54 7.84 9.20
CA ARG B 100 4.69 8.36 9.92
C ARG B 100 5.46 7.21 10.55
N TYR B 101 6.78 7.36 10.61
CA TYR B 101 7.63 6.30 11.12
C TYR B 101 8.54 6.85 12.20
N VAL B 102 8.98 5.95 13.08
CA VAL B 102 9.78 6.30 14.23
C VAL B 102 11.05 5.44 14.21
N GLY B 103 12.19 6.10 14.43
CA GLY B 103 13.46 5.40 14.42
C GLY B 103 14.11 5.46 15.77
N LYS B 104 14.87 4.42 16.10
CA LYS B 104 15.71 4.40 17.27
C LYS B 104 17.13 4.04 16.86
N GLU B 105 18.11 4.63 17.52
CA GLU B 105 19.48 4.24 17.27
C GLU B 105 19.79 2.93 17.98
N TYR B 106 20.57 2.07 17.34
CA TYR B 106 21.08 0.87 17.98
C TYR B 106 22.52 1.12 18.42
N LYS B 107 22.74 1.26 19.72
CA LYS B 107 24.09 1.48 20.23
C LYS B 107 24.35 0.62 21.46
N GLU B 108 23.77 -0.57 21.50
CA GLU B 108 24.08 -1.50 22.57
C GLU B 108 25.48 -2.10 22.38
N ARG B 109 26.23 -2.19 23.47
CA ARG B 109 27.61 -2.66 23.41
C ARG B 109 27.71 -4.17 23.29
N LYS B 110 26.59 -4.88 23.25
CA LYS B 110 26.63 -6.33 23.08
C LYS B 110 26.84 -6.75 21.63
N GLY B 111 26.64 -5.85 20.67
CA GLY B 111 26.99 -6.12 19.29
C GLY B 111 25.83 -6.14 18.30
N LEU B 112 26.12 -5.91 17.01
CA LEU B 112 25.07 -5.82 16.00
C LEU B 112 24.36 -7.17 15.79
N ARG B 113 25.03 -8.27 16.08
CA ARG B 113 24.43 -9.57 15.82
C ARG B 113 23.21 -9.82 16.68
N HIS B 114 23.13 -9.18 17.86
CA HIS B 114 21.95 -9.31 18.70
C HIS B 114 20.76 -8.61 18.06
N HIS B 115 21.01 -7.52 17.36
CA HIS B 115 19.91 -6.78 16.77
C HIS B 115 19.34 -7.53 15.57
N PHE B 116 20.20 -8.11 14.73
CA PHE B 116 19.72 -8.87 13.58
C PHE B 116 18.98 -10.13 14.01
N THR B 117 19.48 -10.81 15.05
CA THR B 117 18.76 -11.95 15.60
C THR B 117 17.37 -11.57 16.10
N ASP B 118 17.28 -10.42 16.77
CA ASP B 118 16.00 -9.89 17.22
C ASP B 118 15.03 -9.72 16.06
N VAL B 119 15.50 -9.14 14.97
CA VAL B 119 14.63 -8.96 13.82
C VAL B 119 14.29 -10.30 13.17
N GLU B 120 15.18 -11.28 13.22
CA GLU B 120 14.78 -12.59 12.68
C GLU B 120 13.68 -13.22 13.55
N ARG B 121 13.75 -13.09 14.88
CA ARG B 121 12.63 -13.57 15.70
C ARG B 121 11.34 -12.83 15.36
N GLN B 122 11.42 -11.53 15.10
CA GLN B 122 10.20 -10.79 14.78
C GLN B 122 9.59 -11.24 13.46
N MET B 123 10.42 -11.53 12.47
CA MET B 123 9.89 -12.10 11.23
C MET B 123 9.27 -13.46 11.47
N THR B 124 9.85 -14.26 12.38
CA THR B 124 9.25 -15.54 12.69
C THR B 124 7.91 -15.37 13.37
N ALA B 125 7.81 -14.44 14.32
CA ALA B 125 6.50 -14.12 14.88
C ALA B 125 5.55 -13.61 13.81
N GLN B 126 6.03 -12.73 12.91
CA GLN B 126 5.13 -12.19 11.91
C GLN B 126 4.65 -13.27 10.95
N HIS B 127 5.51 -14.24 10.65
CA HIS B 127 5.10 -15.36 9.79
C HIS B 127 3.87 -16.07 10.38
N TYR B 128 3.85 -16.26 11.70
CA TYR B 128 2.73 -16.95 12.33
C TYR B 128 1.50 -16.06 12.40
N VAL B 129 1.69 -14.74 12.46
CA VAL B 129 0.54 -13.85 12.44
C VAL B 129 -0.18 -13.95 11.10
N THR B 130 0.58 -13.86 10.01
CA THR B 130 0.05 -14.03 8.65
C THR B 130 -0.74 -15.31 8.51
N GLU B 131 -0.15 -16.43 8.94
CA GLU B 131 -0.83 -17.71 8.78
C GLU B 131 -2.06 -17.79 9.68
N PHE B 132 -1.96 -17.20 10.89
CA PHE B 132 -3.11 -17.18 11.78
C PHE B 132 -4.24 -16.36 11.19
N ASN B 133 -3.91 -15.19 10.65
CA ASN B 133 -4.95 -14.33 10.07
C ASN B 133 -5.63 -15.00 8.90
N LYS B 134 -4.90 -15.83 8.13
CA LYS B 134 -5.53 -16.60 7.05
C LYS B 134 -6.52 -17.60 7.62
N ARG B 135 -6.16 -18.25 8.71
CA ARG B 135 -7.07 -19.21 9.32
C ARG B 135 -8.31 -18.52 9.90
N LEU B 136 -8.14 -17.34 10.51
CA LEU B 136 -9.31 -16.62 10.99
C LEU B 136 -10.25 -16.30 9.83
N TYR B 137 -9.70 -15.85 8.70
CA TYR B 137 -10.51 -15.48 7.55
C TYR B 137 -11.24 -16.68 6.98
N GLU B 138 -10.52 -17.80 6.80
CA GLU B 138 -11.12 -19.04 6.31
C GLU B 138 -12.27 -19.52 7.18
N GLN B 139 -12.20 -19.27 8.49
CA GLN B 139 -13.27 -19.70 9.39
C GLN B 139 -14.31 -18.61 9.63
N LYS B 140 -14.23 -17.50 8.89
CA LYS B 140 -15.22 -16.43 8.90
C LYS B 140 -15.21 -15.65 10.22
N ILE B 141 -14.05 -15.59 10.86
CA ILE B 141 -13.87 -14.80 12.09
C ILE B 141 -13.38 -13.41 11.70
N PRO B 142 -14.15 -12.36 11.97
CA PRO B 142 -13.81 -10.99 11.51
C PRO B 142 -12.86 -10.28 12.46
N THR B 143 -11.64 -10.77 12.52
CA THR B 143 -10.60 -10.12 13.30
C THR B 143 -9.25 -10.48 12.68
N GLN B 144 -8.30 -9.57 12.81
CA GLN B 144 -6.90 -9.82 12.46
C GLN B 144 -6.00 -9.37 13.60
N ILE B 145 -4.99 -10.16 13.88
CA ILE B 145 -3.88 -9.71 14.72
C ILE B 145 -3.00 -8.81 13.88
N PHE B 146 -2.72 -7.60 14.37
CA PHE B 146 -1.86 -6.65 13.68
C PHE B 146 -0.46 -6.74 14.26
N TYR B 147 0.55 -6.83 13.39
CA TYR B 147 1.93 -6.88 13.85
C TYR B 147 2.84 -6.51 12.71
N VAL B 148 3.80 -5.60 12.98
CA VAL B 148 4.75 -5.25 11.94
C VAL B 148 6.15 -5.15 12.53
N PRO B 149 7.08 -6.00 12.12
CA PRO B 149 8.43 -5.97 12.68
C PRO B 149 9.14 -4.67 12.34
N SER B 150 10.13 -4.33 13.16
CA SER B 150 10.95 -3.19 12.82
C SER B 150 11.82 -3.52 11.60
N THR B 151 12.22 -2.48 10.88
CA THR B 151 13.19 -2.61 9.80
C THR B 151 14.53 -2.01 10.20
N ILE B 152 15.58 -2.59 9.63
CA ILE B 152 16.94 -2.15 9.88
C ILE B 152 17.37 -1.26 8.74
N LEU B 153 17.87 -0.09 9.09
CA LEU B 153 18.55 0.80 8.16
C LEU B 153 20.02 0.84 8.56
N LEU B 154 20.90 0.47 7.63
CA LEU B 154 22.33 0.71 7.78
C LEU B 154 22.62 2.04 7.12
N ILE B 155 23.04 3.01 7.93
CA ILE B 155 23.44 4.29 7.38
C ILE B 155 24.82 4.14 6.77
N LEU B 156 24.95 4.53 5.51
CA LEU B 156 26.22 4.51 4.80
C LEU B 156 26.69 5.93 4.53
N GLU B 157 28.00 6.13 4.54
CA GLU B 157 28.55 7.34 3.95
C GLU B 157 28.80 7.11 2.47
N ASP B 158 29.80 6.31 2.14
CA ASP B 158 29.93 5.92 0.73
C ASP B 158 29.73 4.42 0.60
N ARG B 159 30.76 3.65 0.89
CA ARG B 159 30.59 2.23 1.19
C ARG B 159 30.83 1.96 2.68
N THR B 160 30.96 3.01 3.48
CA THR B 160 31.32 2.87 4.88
C THR B 160 30.08 2.89 5.75
N ILE B 161 29.93 1.85 6.56
CA ILE B 161 28.83 1.78 7.50
C ILE B 161 29.07 2.80 8.61
N LYS B 162 28.15 3.72 8.77
CA LYS B 162 28.25 4.76 9.79
C LYS B 162 27.27 4.58 10.94
N GLY B 163 26.17 3.89 10.71
CA GLY B 163 25.10 3.86 11.69
C GLY B 163 24.12 2.76 11.42
N CYS B 164 23.26 2.54 12.40
CA CYS B 164 22.26 1.47 12.33
C CYS B 164 21.05 1.93 13.12
N ILE B 165 19.93 2.14 12.43
CA ILE B 165 18.72 2.49 13.14
C ILE B 165 17.65 1.47 12.83
N SER B 166 16.79 1.27 13.80
CA SER B 166 15.64 0.39 13.75
C SER B 166 14.43 1.30 13.56
N VAL B 167 13.60 1.01 12.56
CA VAL B 167 12.44 1.86 12.23
C VAL B 167 11.16 1.05 12.40
N GLU B 168 10.14 1.70 12.96
CA GLU B 168 8.82 1.11 13.25
C GLU B 168 7.72 2.14 12.80
N PRO B 169 6.63 1.60 12.27
CA PRO B 169 5.52 2.56 11.98
C PRO B 169 5.04 3.18 13.26
N TYR B 170 4.61 4.44 13.16
CA TYR B 170 4.02 5.11 14.31
C TYR B 170 2.55 4.74 14.35
N ILE B 171 2.17 3.90 15.31
CA ILE B 171 0.82 3.36 15.34
C ILE B 171 -0.03 3.93 16.48
N LEU B 172 0.60 4.47 17.53
CA LEU B 172 -0.08 5.03 18.71
C LEU B 172 -1.31 5.89 18.36
N VAL B 185 -17.55 -2.63 22.55
CA VAL B 185 -18.13 -3.95 22.47
C VAL B 185 -18.09 -4.49 21.03
N LYS B 186 -16.90 -4.93 20.60
CA LYS B 186 -16.77 -5.70 19.36
C LYS B 186 -17.26 -7.13 19.55
N ASN B 187 -17.00 -7.70 20.74
CA ASN B 187 -17.60 -8.95 21.20
C ASN B 187 -17.14 -10.15 20.40
N GLU B 188 -17.98 -11.19 20.39
CA GLU B 188 -17.60 -12.56 20.05
C GLU B 188 -16.47 -13.02 20.97
N TYR B 189 -15.25 -12.52 20.76
CA TYR B 189 -14.11 -12.98 21.54
C TYR B 189 -13.28 -11.80 22.03
N LYS B 190 -12.70 -11.99 23.22
CA LYS B 190 -11.83 -11.00 23.82
C LYS B 190 -10.40 -11.11 23.29
N ALA B 191 -9.70 -9.98 23.34
CA ALA B 191 -8.34 -9.89 22.81
C ALA B 191 -7.44 -11.01 23.36
N THR B 192 -7.57 -11.34 24.64
CA THR B 192 -6.78 -12.41 25.21
C THR B 192 -7.09 -13.77 24.56
N GLU B 193 -8.35 -14.02 24.21
CA GLU B 193 -8.69 -15.28 23.55
C GLU B 193 -8.03 -15.37 22.18
N TYR B 194 -8.04 -14.27 21.42
CA TYR B 194 -7.28 -14.25 20.16
C TYR B 194 -5.80 -14.48 20.40
N GLY B 195 -5.24 -13.85 21.43
CA GLY B 195 -3.80 -13.91 21.64
C GLY B 195 -3.33 -15.29 22.04
N LEU B 196 -4.07 -15.94 22.93
CA LEU B 196 -3.69 -17.30 23.34
C LEU B 196 -3.96 -18.30 22.22
N ALA B 197 -5.04 -18.12 21.45
CA ALA B 197 -5.29 -19.00 20.32
C ALA B 197 -4.18 -18.89 19.28
N TYR B 198 -3.66 -17.67 19.07
CA TYR B 198 -2.49 -17.47 18.20
C TYR B 198 -1.28 -18.26 18.70
N GLY B 199 -1.08 -18.28 20.02
CA GLY B 199 0.02 -19.05 20.56
C GLY B 199 -0.16 -20.55 20.38
N HIS B 200 -1.39 -21.03 20.62
CA HIS B 200 -1.72 -22.43 20.34
C HIS B 200 -1.53 -22.74 18.86
N PHE B 201 -2.04 -21.87 17.98
CA PHE B 201 -1.85 -22.06 16.55
C PHE B 201 -0.37 -22.06 16.17
N SER B 202 0.43 -21.17 16.78
CA SER B 202 1.83 -21.18 16.41
C SER B 202 2.50 -22.48 16.80
N TYR B 203 2.06 -23.11 17.88
CA TYR B 203 2.57 -24.41 18.27
C TYR B 203 2.17 -25.52 17.29
N GLU B 204 0.92 -25.53 16.80
CA GLU B 204 0.57 -26.55 15.82
C GLU B 204 1.22 -26.28 14.47
N PHE B 205 1.21 -25.02 14.02
CA PHE B 205 1.67 -24.72 12.67
C PHE B 205 3.17 -24.84 12.51
N SER B 206 3.93 -24.84 13.61
CA SER B 206 5.37 -25.04 13.56
C SER B 206 5.74 -26.50 13.77
N ASN B 207 4.76 -27.38 13.80
CA ASN B 207 4.97 -28.79 14.13
C ASN B 207 5.62 -28.92 15.51
N HIS B 208 4.97 -28.32 16.50
CA HIS B 208 5.30 -28.52 17.92
C HIS B 208 6.72 -28.08 18.30
N ARG B 209 7.23 -27.03 17.65
CA ARG B 209 8.55 -26.51 17.94
C ARG B 209 8.58 -25.09 18.50
N ASP B 210 7.63 -24.24 18.12
CA ASP B 210 7.59 -22.85 18.55
C ASP B 210 6.29 -22.54 19.28
N VAL B 211 6.36 -21.63 20.25
CA VAL B 211 5.18 -21.00 20.82
C VAL B 211 5.48 -19.52 20.91
N VAL B 212 4.55 -18.69 20.44
CA VAL B 212 4.70 -17.24 20.45
C VAL B 212 3.73 -16.65 21.46
N VAL B 213 4.27 -15.85 22.38
CA VAL B 213 3.48 -15.16 23.39
C VAL B 213 3.76 -13.67 23.28
N ASP B 214 2.81 -12.87 23.73
CA ASP B 214 3.01 -11.43 23.84
C ASP B 214 3.46 -11.10 25.27
N LEU B 215 4.59 -10.41 25.38
CA LEU B 215 5.03 -10.00 26.70
C LEU B 215 4.18 -8.87 27.28
N GLN B 216 3.31 -8.25 26.48
CA GLN B 216 2.44 -7.18 26.98
C GLN B 216 1.02 -7.63 27.27
N GLY B 217 0.59 -8.76 26.74
CA GLY B 217 -0.64 -9.39 27.20
C GLY B 217 -1.91 -9.06 26.47
N TRP B 218 -1.84 -8.54 25.24
CA TRP B 218 -3.04 -8.33 24.42
C TRP B 218 -4.00 -7.35 25.08
N VAL B 219 -3.43 -6.39 25.81
CA VAL B 219 -4.21 -5.36 26.49
C VAL B 219 -4.86 -4.43 25.47
N THR B 220 -4.14 -4.11 24.40
CA THR B 220 -4.53 -3.07 23.47
C THR B 220 -5.27 -3.64 22.27
N GLY B 221 -6.23 -2.86 21.78
CA GLY B 221 -6.92 -3.10 20.53
C GLY B 221 -7.10 -1.77 19.82
N ASN B 222 -8.23 -1.61 19.16
CA ASN B 222 -8.56 -0.36 18.47
C ASN B 222 -10.06 -0.34 18.23
N GLY B 223 -10.52 0.59 17.39
CA GLY B 223 -11.92 0.64 17.01
C GLY B 223 -12.20 -0.16 15.76
N LYS B 224 -11.93 -1.47 15.83
CA LYS B 224 -12.07 -2.32 14.65
C LYS B 224 -12.02 -3.79 15.04
N GLY B 225 -11.62 -4.62 14.08
CA GLY B 225 -11.30 -6.00 14.35
C GLY B 225 -9.80 -6.21 14.24
N LEU B 226 -9.02 -5.38 14.95
CA LEU B 226 -7.58 -5.52 15.05
C LEU B 226 -7.20 -5.71 16.51
N ILE B 227 -6.44 -6.78 16.78
CA ILE B 227 -5.80 -6.99 18.07
C ILE B 227 -4.29 -6.86 17.84
N TYR B 228 -3.62 -6.07 18.68
CA TYR B 228 -2.24 -5.70 18.42
C TYR B 228 -1.26 -6.68 19.08
N LEU B 229 -0.28 -7.14 18.29
CA LEU B 229 0.90 -7.82 18.83
C LEU B 229 1.97 -6.77 19.03
N THR B 230 2.45 -6.64 20.27
CA THR B 230 3.44 -5.62 20.61
C THR B 230 4.83 -6.17 20.91
N ASP B 231 4.94 -7.24 21.71
CA ASP B 231 6.26 -7.69 22.22
C ASP B 231 6.35 -9.20 22.16
N PRO B 232 6.53 -9.78 20.97
CA PRO B 232 6.56 -11.23 20.85
C PRO B 232 7.79 -11.87 21.49
N GLN B 233 7.55 -13.01 22.12
CA GLN B 233 8.59 -13.86 22.67
C GLN B 233 8.33 -15.28 22.21
N ILE B 234 9.35 -15.91 21.65
CA ILE B 234 9.21 -17.23 21.03
C ILE B 234 9.90 -18.26 21.93
N HIS B 235 9.12 -19.06 22.64
CA HIS B 235 9.66 -20.26 23.27
C HIS B 235 9.84 -21.33 22.19
N SER B 236 11.05 -21.84 22.06
CA SER B 236 11.31 -22.74 20.94
C SER B 236 12.11 -23.97 21.36
N VAL B 237 11.84 -25.06 20.66
CA VAL B 237 12.65 -26.27 20.79
C VAL B 237 14.03 -26.06 20.19
N ASP B 238 14.12 -25.36 19.07
CA ASP B 238 15.40 -25.03 18.48
C ASP B 238 16.04 -23.88 19.25
N GLN B 239 17.35 -23.71 19.08
CA GLN B 239 18.11 -22.75 19.88
C GLN B 239 18.79 -21.66 19.08
N LYS B 240 19.12 -21.93 17.81
CA LYS B 240 20.05 -21.16 16.98
C LYS B 240 20.20 -19.66 17.28
N ASP B 241 21.44 -19.16 17.14
CA ASP B 241 21.91 -17.81 17.46
C ASP B 241 22.02 -17.63 18.98
N VAL B 242 22.12 -16.38 19.46
CA VAL B 242 22.34 -16.13 20.89
C VAL B 242 21.09 -15.53 21.58
N THR B 243 19.90 -15.76 21.02
CA THR B 243 18.72 -15.16 21.60
C THR B 243 18.35 -15.84 22.91
N THR B 244 17.92 -15.06 23.90
CA THR B 244 17.45 -15.64 25.15
C THR B 244 16.08 -16.29 24.92
N ASN B 245 15.96 -17.54 25.34
CA ASN B 245 14.85 -18.39 24.90
C ASN B 245 14.56 -19.40 25.99
N PHE B 246 13.33 -19.37 26.51
CA PHE B 246 12.91 -20.29 27.57
C PHE B 246 12.68 -21.71 27.04
N GLY B 247 12.58 -21.87 25.72
CA GLY B 247 12.51 -23.19 25.14
C GLY B 247 11.36 -24.03 25.68
N LYS B 248 11.67 -25.32 25.89
CA LYS B 248 10.65 -26.30 26.24
C LYS B 248 9.96 -25.95 27.54
N ARG B 249 10.69 -25.37 28.51
CA ARG B 249 10.06 -24.91 29.74
C ARG B 249 8.96 -23.89 29.46
N GLY B 250 9.22 -22.99 28.52
CA GLY B 250 8.22 -21.98 28.18
C GLY B 250 6.96 -22.57 27.57
N ILE B 251 7.13 -23.59 26.72
CA ILE B 251 6.01 -24.22 26.04
C ILE B 251 5.09 -24.92 27.04
N PHE B 252 5.69 -25.67 27.97
CA PHE B 252 4.89 -26.35 29.00
C PHE B 252 4.18 -25.35 29.89
N TYR B 253 4.89 -24.31 30.33
CA TYR B 253 4.23 -23.28 31.12
C TYR B 253 3.10 -22.62 30.33
N PHE B 254 3.24 -22.48 29.01
CA PHE B 254 2.15 -21.89 28.23
C PHE B 254 0.91 -22.78 28.26
N PHE B 255 1.08 -24.07 28.00
CA PHE B 255 -0.08 -24.95 27.94
C PHE B 255 -0.61 -25.36 29.31
N ASN B 256 0.10 -25.02 30.39
CA ASN B 256 -0.34 -25.39 31.73
C ASN B 256 -0.65 -24.21 32.64
N ASN B 257 -0.32 -22.98 32.24
CA ASN B 257 -0.60 -21.84 33.10
C ASN B 257 -1.24 -20.69 32.34
N GLN B 258 -0.85 -20.49 31.08
CA GLN B 258 -1.44 -19.43 30.29
C GLN B 258 -2.60 -19.89 29.40
N HIS B 259 -2.43 -20.99 28.68
CA HIS B 259 -3.51 -21.55 27.85
C HIS B 259 -3.88 -22.92 28.40
N ALA B 260 -4.29 -22.92 29.67
CA ALA B 260 -4.57 -24.20 30.33
C ALA B 260 -5.73 -24.92 29.68
N SER B 261 -6.76 -24.18 29.27
CA SER B 261 -7.98 -24.82 28.79
C SER B 261 -8.02 -24.92 27.27
N CYS B 262 -8.31 -23.79 26.59
CA CYS B 262 -8.67 -23.67 25.16
C CYS B 262 -9.97 -22.89 25.03
N ASN B 263 -10.07 -22.04 24.01
CA ASN B 263 -11.26 -21.22 23.83
C ASN B 263 -11.97 -21.58 22.52
N GLU B 264 -13.04 -20.84 22.23
CA GLU B 264 -13.86 -21.10 21.04
C GLU B 264 -13.06 -20.94 19.74
N ILE B 265 -12.09 -20.04 19.73
CA ILE B 265 -11.27 -19.86 18.54
C ILE B 265 -10.38 -21.08 18.31
N CYS B 266 -9.70 -21.54 19.36
CA CYS B 266 -9.00 -22.82 19.29
C CYS B 266 -9.88 -23.89 18.65
N HIS B 267 -11.15 -23.97 19.03
CA HIS B 267 -12.02 -25.01 18.50
C HIS B 267 -12.43 -24.74 17.06
N ARG B 268 -12.74 -23.49 16.73
CA ARG B 268 -13.08 -23.13 15.35
C ARG B 268 -11.90 -23.38 14.40
N LEU B 269 -10.66 -23.19 14.87
CA LEU B 269 -9.48 -23.49 14.08
C LEU B 269 -9.01 -24.92 14.22
N SER B 270 -9.72 -25.73 15.01
CA SER B 270 -9.47 -27.17 15.11
C SER B 270 -8.12 -27.44 15.77
N LEU B 271 -7.81 -26.70 16.81
CA LEU B 271 -6.59 -26.93 17.58
C LEU B 271 -6.88 -27.95 18.66
N THR B 272 -5.92 -28.85 18.89
CA THR B 272 -6.05 -29.89 19.91
C THR B 272 -5.00 -29.71 20.99
N ARG B 273 -5.31 -30.24 22.16
CA ARG B 273 -4.41 -30.17 23.31
C ARG B 273 -3.19 -31.07 23.08
N PRO B 274 -2.00 -30.63 23.50
CA PRO B 274 -0.79 -31.45 23.28
C PRO B 274 -0.51 -32.51 24.34
N SER B 275 0.28 -32.16 25.35
CA SER B 275 0.76 -33.15 26.32
C SER B 275 0.32 -32.85 27.75
#